data_6SU8
#
_entry.id   6SU8
#
_cell.length_a   113.367
_cell.length_b   263.212
_cell.length_c   197.824
_cell.angle_alpha   90.000
_cell.angle_beta   90.000
_cell.angle_gamma   90.000
#
_symmetry.space_group_name_H-M   'C 2 2 21'
#
loop_
_entity.id
_entity.type
_entity.pdbx_description
1 polymer Glucanase
2 branched beta-D-mannopyranose-(1-4)-2-acetamido-2-deoxy-beta-D-glucopyranose-(1-4)-2-acetamido-2-deoxy-beta-D-glucopyranose
3 branched 2-acetamido-2-deoxy-beta-D-glucopyranose-(1-4)-2-acetamido-2-deoxy-beta-D-glucopyranose
4 non-polymer 2-acetamido-2-deoxy-beta-D-glucopyranose
5 non-polymer 'MALONATE ION'
6 non-polymer 'SODIUM ION'
7 water water
#
_entity_poly.entity_id   1
_entity_poly.type   'polypeptide(L)'
_entity_poly.pdbx_seq_one_letter_code
;(PCA)QIGTIPEVHPKLPTWKCTTEGGCVQQNTSVVLEYLSHPIHEVGNSDVSCVVSGGLNQSLCPNEEECSKNCVVEGA
NYTSSGVHTDGDALTLNQYVTNGDQVVTASPRVYLLASDDEDGNYSMLQLLGQELSFDVDVSKLVCGMNGALYLSEMDAS
GGRNSLNPAGAQYGSGYCDAQCGVQPFINGTVNTGSLGACCNEMDIWEANALATALTPHPCSVTSIYACSGAECGSNGVC
DKPGCGYNPYALGDHNYYGPGKTVDTSRPFTVVTQFLTNDNTTTGTLTEIRRLYVQDGNVIGPSPSDSVSSITDSFCSTV
DSYFEPLGGLKEMGEALGRGMVLVFSIWNDPGQFMNWLDSGNAGPCNSTEGNPATIEAQHPDTAVTFSNIRWGDIGSTFQ
S
;
_entity_poly.pdbx_strand_id   A,B,C
#
# COMPACT_ATOMS: atom_id res chain seq x y z
N GLN A 2 -25.28 30.51 7.86
CA GLN A 2 -26.67 30.56 8.30
C GLN A 2 -27.56 29.88 7.28
N ILE A 3 -28.87 29.86 7.53
CA ILE A 3 -29.82 29.11 6.73
C ILE A 3 -30.59 30.11 5.88
N GLY A 4 -30.50 29.95 4.55
CA GLY A 4 -31.18 30.82 3.61
C GLY A 4 -32.67 30.51 3.52
N THR A 5 -33.30 31.11 2.51
CA THR A 5 -34.75 31.08 2.40
C THR A 5 -35.32 30.03 1.46
N ILE A 6 -34.54 29.52 0.51
CA ILE A 6 -35.06 28.44 -0.33
C ILE A 6 -35.36 27.27 0.58
N PRO A 7 -36.59 26.77 0.60
CA PRO A 7 -36.96 25.73 1.57
C PRO A 7 -36.25 24.41 1.31
N GLU A 8 -35.90 23.73 2.40
CA GLU A 8 -35.27 22.42 2.36
C GLU A 8 -36.36 21.38 2.65
N VAL A 9 -36.72 20.61 1.64
CA VAL A 9 -37.82 19.67 1.72
C VAL A 9 -37.26 18.29 1.47
N HIS A 10 -37.21 17.49 2.52
CA HIS A 10 -36.56 16.19 2.50
C HIS A 10 -37.49 15.16 1.88
N PRO A 11 -37.07 14.45 0.83
CA PRO A 11 -37.88 13.32 0.35
C PRO A 11 -38.14 12.33 1.48
N LYS A 12 -39.41 11.96 1.66
CA LYS A 12 -39.80 11.00 2.67
C LYS A 12 -39.35 9.60 2.29
N LEU A 13 -38.99 8.80 3.29
CA LEU A 13 -38.52 7.43 3.06
C LEU A 13 -38.80 6.62 4.30
N PRO A 14 -39.98 6.03 4.40
CA PRO A 14 -40.32 5.26 5.59
C PRO A 14 -39.34 4.12 5.79
N THR A 15 -39.08 3.77 7.05
CA THR A 15 -38.22 2.61 7.32
C THR A 15 -38.88 1.79 8.44
N TRP A 16 -38.27 0.67 8.82
CA TRP A 16 -38.86 -0.19 9.83
C TRP A 16 -37.86 -0.58 10.91
N LYS A 17 -38.32 -0.56 12.16
CA LYS A 17 -37.60 -1.14 13.29
C LYS A 17 -38.33 -2.40 13.70
N CYS A 18 -37.63 -3.52 13.76
CA CYS A 18 -38.25 -4.83 13.95
C CYS A 18 -37.78 -5.50 15.23
N THR A 19 -38.68 -6.24 15.87
CA THR A 19 -38.35 -7.03 17.04
C THR A 19 -38.98 -8.42 16.95
N THR A 20 -38.38 -9.36 17.68
CA THR A 20 -38.85 -10.74 17.67
C THR A 20 -40.28 -10.84 18.16
N GLU A 21 -40.60 -10.15 19.25
CA GLU A 21 -41.92 -10.24 19.86
C GLU A 21 -42.90 -9.23 19.29
N GLY A 22 -42.43 -8.09 18.80
CA GLY A 22 -43.35 -7.03 18.39
C GLY A 22 -43.45 -6.81 16.89
N GLY A 23 -42.62 -7.51 16.12
CA GLY A 23 -42.70 -7.33 14.70
C GLY A 23 -42.11 -5.99 14.30
N CYS A 24 -42.46 -5.56 13.09
CA CYS A 24 -41.86 -4.39 12.46
C CYS A 24 -42.77 -3.19 12.63
N VAL A 25 -42.16 -2.03 12.89
CA VAL A 25 -42.87 -0.79 13.16
C VAL A 25 -42.28 0.31 12.30
N GLN A 26 -43.14 0.99 11.55
CA GLN A 26 -42.71 1.95 10.55
C GLN A 26 -42.31 3.27 11.19
N GLN A 27 -41.15 3.77 10.79
CA GLN A 27 -40.57 5.04 11.21
C GLN A 27 -40.82 6.07 10.11
N ASN A 28 -41.19 7.29 10.53
CA ASN A 28 -41.47 8.38 9.59
C ASN A 28 -40.16 9.05 9.19
N THR A 29 -39.23 8.25 8.68
CA THR A 29 -37.91 8.76 8.36
C THR A 29 -37.89 9.46 7.01
N SER A 30 -36.87 10.28 6.78
CA SER A 30 -36.73 10.92 5.48
C SER A 30 -35.25 10.95 5.12
N VAL A 31 -34.89 11.66 4.07
CA VAL A 31 -33.55 11.51 3.52
C VAL A 31 -33.05 12.92 3.20
N VAL A 32 -31.76 13.18 3.45
CA VAL A 32 -31.19 14.53 3.27
C VAL A 32 -29.92 14.46 2.43
N LEU A 33 -29.80 15.39 1.45
CA LEU A 33 -28.60 15.50 0.62
C LEU A 33 -27.39 15.99 1.40
N GLU A 34 -26.20 15.61 0.91
CA GLU A 34 -24.96 16.09 1.47
C GLU A 34 -24.95 17.62 1.50
N TYR A 35 -24.46 18.18 2.61
CA TYR A 35 -24.30 19.62 2.76
C TYR A 35 -23.79 20.28 1.48
N LEU A 36 -22.65 19.80 0.95
CA LEU A 36 -22.03 20.43 -0.20
C LEU A 36 -22.86 20.31 -1.48
N SER A 37 -23.92 19.51 -1.48
CA SER A 37 -24.88 19.50 -2.58
C SER A 37 -25.96 20.57 -2.42
N HIS A 38 -25.95 21.28 -1.35
CA HIS A 38 -26.80 22.45 -1.22
C HIS A 38 -26.07 23.66 -1.74
N PRO A 39 -26.79 24.63 -2.28
CA PRO A 39 -26.17 25.94 -2.56
C PRO A 39 -25.65 26.56 -1.28
N ILE A 40 -24.41 27.03 -1.31
CA ILE A 40 -23.81 27.77 -0.20
C ILE A 40 -23.17 29.02 -0.81
N HIS A 41 -23.77 30.18 -0.56
CA HIS A 41 -23.39 31.38 -1.29
C HIS A 41 -23.35 32.58 -0.35
N GLU A 42 -22.81 33.69 -0.87
CA GLU A 42 -22.73 34.92 -0.12
C GLU A 42 -24.11 35.50 0.16
N VAL A 43 -24.25 36.12 1.34
CA VAL A 43 -25.52 36.70 1.74
C VAL A 43 -26.04 37.67 0.70
N GLY A 44 -25.19 38.56 0.22
CA GLY A 44 -25.66 39.49 -0.80
C GLY A 44 -26.12 38.81 -2.09
N ASN A 45 -25.39 37.78 -2.53
CA ASN A 45 -25.21 37.47 -3.94
C ASN A 45 -25.17 35.96 -4.12
N SER A 46 -26.23 35.39 -4.68
CA SER A 46 -26.27 33.94 -4.86
C SER A 46 -25.41 33.48 -6.02
N ASP A 47 -24.74 34.39 -6.70
CA ASP A 47 -23.77 34.02 -7.73
C ASP A 47 -22.38 33.80 -7.17
N VAL A 48 -22.09 34.32 -5.98
CA VAL A 48 -20.80 34.16 -5.31
C VAL A 48 -20.90 32.94 -4.40
N SER A 49 -20.35 31.81 -4.83
CA SER A 49 -20.37 30.61 -4.00
C SER A 49 -19.31 30.71 -2.89
N CYS A 50 -19.61 30.08 -1.75
CA CYS A 50 -18.66 29.97 -0.65
C CYS A 50 -17.79 28.72 -0.75
N VAL A 51 -18.20 27.75 -1.54
CA VAL A 51 -17.39 26.58 -1.82
C VAL A 51 -17.11 26.60 -3.31
N VAL A 52 -15.86 26.89 -3.66
CA VAL A 52 -15.40 26.98 -5.03
C VAL A 52 -14.21 26.03 -5.21
N SER A 53 -14.18 25.31 -6.33
CA SER A 53 -13.15 24.30 -6.59
C SER A 53 -13.04 23.33 -5.42
N GLY A 54 -14.20 22.91 -4.92
CA GLY A 54 -14.29 21.94 -3.83
C GLY A 54 -13.64 22.38 -2.53
N GLY A 55 -13.32 23.68 -2.40
CA GLY A 55 -12.71 24.22 -1.19
C GLY A 55 -13.30 25.56 -0.83
N LEU A 56 -12.82 26.13 0.26
CA LEU A 56 -13.39 27.36 0.81
C LEU A 56 -12.95 28.58 0.02
N ASN A 57 -13.93 29.41 -0.33
CA ASN A 57 -13.70 30.79 -0.76
C ASN A 57 -13.01 31.56 0.36
N GLN A 58 -11.68 31.76 0.24
CA GLN A 58 -10.92 32.32 1.35
C GLN A 58 -11.32 33.74 1.69
N SER A 59 -11.74 34.52 0.69
CA SER A 59 -12.20 35.88 0.98
C SER A 59 -13.40 35.87 1.93
N LEU A 60 -14.33 34.92 1.76
CA LEU A 60 -15.53 34.87 2.59
C LEU A 60 -15.38 33.99 3.83
N CYS A 61 -14.57 32.94 3.76
CA CYS A 61 -14.48 31.95 4.84
C CYS A 61 -13.05 31.76 5.33
N PRO A 62 -12.42 32.82 5.87
CA PRO A 62 -11.10 32.62 6.49
C PRO A 62 -11.16 31.89 7.81
N ASN A 63 -12.32 31.86 8.46
CA ASN A 63 -12.49 31.21 9.75
C ASN A 63 -13.97 30.98 9.97
N GLU A 64 -14.32 30.35 11.08
CA GLU A 64 -15.71 29.91 11.21
C GLU A 64 -16.67 31.07 11.42
N GLU A 65 -16.25 32.12 12.13
CA GLU A 65 -17.17 33.23 12.38
C GLU A 65 -17.43 34.02 11.12
N GLU A 66 -16.35 34.40 10.40
CA GLU A 66 -16.50 35.10 9.13
C GLU A 66 -17.31 34.28 8.14
N CYS A 67 -17.06 32.99 8.04
CA CYS A 67 -17.82 32.18 7.11
C CYS A 67 -19.28 32.11 7.52
N SER A 68 -19.54 32.06 8.83
CA SER A 68 -20.91 32.00 9.32
C SER A 68 -21.68 33.26 9.00
N LYS A 69 -20.98 34.38 9.03
CA LYS A 69 -21.66 35.64 8.75
C LYS A 69 -21.83 35.87 7.24
N ASN A 70 -20.81 35.55 6.44
CA ASN A 70 -20.82 35.88 5.02
C ASN A 70 -21.68 34.96 4.18
N CYS A 71 -21.92 33.74 4.64
CA CYS A 71 -22.48 32.67 3.81
C CYS A 71 -23.82 32.18 4.34
N VAL A 72 -24.70 31.76 3.41
CA VAL A 72 -25.93 31.04 3.74
C VAL A 72 -25.99 29.76 2.93
N VAL A 73 -26.47 28.69 3.57
CA VAL A 73 -26.80 27.45 2.91
C VAL A 73 -28.28 27.48 2.52
N GLU A 74 -28.57 27.06 1.30
CA GLU A 74 -29.92 27.08 0.75
C GLU A 74 -30.52 25.67 0.73
N GLY A 75 -31.84 25.62 0.56
CA GLY A 75 -32.47 24.35 0.23
C GLY A 75 -32.01 23.84 -1.13
N ALA A 76 -32.05 22.52 -1.29
CA ALA A 76 -31.59 21.85 -2.49
C ALA A 76 -32.76 21.38 -3.34
N ASN A 77 -32.53 21.30 -4.65
CA ASN A 77 -33.45 20.69 -5.61
C ASN A 77 -33.08 19.21 -5.70
N TYR A 78 -33.88 18.34 -5.06
CA TYR A 78 -33.45 16.94 -4.99
C TYR A 78 -33.56 16.21 -6.33
N THR A 79 -34.48 16.60 -7.22
CA THR A 79 -34.56 15.88 -8.48
C THR A 79 -33.40 16.27 -9.40
N SER A 80 -33.02 17.55 -9.42
CA SER A 80 -31.84 17.90 -10.21
C SER A 80 -30.57 17.28 -9.64
N SER A 81 -30.59 16.82 -8.39
CA SER A 81 -29.47 16.13 -7.76
C SER A 81 -29.58 14.62 -7.87
N GLY A 82 -30.59 14.10 -8.56
CA GLY A 82 -30.68 12.68 -8.85
C GLY A 82 -31.33 11.83 -7.79
N VAL A 83 -32.14 12.42 -6.91
CA VAL A 83 -32.70 11.76 -5.72
C VAL A 83 -34.22 11.70 -5.86
N HIS A 84 -34.78 10.50 -5.80
CA HIS A 84 -36.23 10.35 -5.85
C HIS A 84 -36.66 9.33 -4.81
N THR A 85 -37.80 9.56 -4.17
CA THR A 85 -38.41 8.54 -3.31
C THR A 85 -39.85 8.32 -3.72
N ASP A 86 -40.24 7.05 -3.73
CA ASP A 86 -41.57 6.60 -4.09
C ASP A 86 -41.94 5.53 -3.08
N GLY A 87 -42.90 5.83 -2.21
CA GLY A 87 -43.22 4.90 -1.15
C GLY A 87 -41.99 4.63 -0.29
N ASP A 88 -41.67 3.34 -0.15
CA ASP A 88 -40.53 2.92 0.65
C ASP A 88 -39.26 2.76 -0.18
N ALA A 89 -39.21 3.34 -1.38
CA ALA A 89 -38.08 3.14 -2.28
C ALA A 89 -37.36 4.46 -2.57
N LEU A 90 -36.04 4.45 -2.37
CA LEU A 90 -35.11 5.49 -2.76
C LEU A 90 -34.42 5.11 -4.06
N THR A 91 -34.48 6.00 -5.04
CA THR A 91 -33.76 5.84 -6.30
C THR A 91 -32.69 6.94 -6.42
N LEU A 92 -31.46 6.51 -6.68
CA LEU A 92 -30.33 7.41 -6.89
C LEU A 92 -29.88 7.27 -8.33
N ASN A 93 -29.97 8.38 -9.08
CA ASN A 93 -29.48 8.49 -10.44
C ASN A 93 -28.06 9.06 -10.46
N GLN A 94 -27.17 8.43 -11.23
CA GLN A 94 -25.81 8.95 -11.36
C GLN A 94 -25.78 10.24 -12.14
N TYR A 95 -26.62 10.35 -13.18
CA TYR A 95 -26.61 11.46 -14.12
C TYR A 95 -28.01 12.04 -14.22
N VAL A 96 -28.10 13.35 -14.52
CA VAL A 96 -29.34 14.03 -14.84
C VAL A 96 -29.11 14.78 -16.15
N THR A 97 -30.18 15.22 -16.78
CA THR A 97 -30.09 15.81 -18.11
C THR A 97 -30.90 17.10 -18.22
N ASN A 98 -30.28 18.13 -18.80
CA ASN A 98 -30.99 19.32 -19.25
C ASN A 98 -31.83 18.98 -20.47
N GLY A 99 -31.17 18.92 -21.63
CA GLY A 99 -31.81 18.42 -22.83
C GLY A 99 -30.86 17.51 -23.60
N ASP A 100 -29.85 18.11 -24.23
CA ASP A 100 -28.75 17.37 -24.81
C ASP A 100 -27.62 17.13 -23.82
N GLN A 101 -27.51 17.93 -22.77
CA GLN A 101 -26.36 17.87 -21.88
C GLN A 101 -26.64 16.94 -20.70
N VAL A 102 -25.67 16.07 -20.42
CA VAL A 102 -25.70 15.18 -19.28
C VAL A 102 -24.84 15.77 -18.18
N VAL A 103 -25.36 15.74 -16.96
CA VAL A 103 -24.79 16.36 -15.79
C VAL A 103 -24.55 15.27 -14.76
N THR A 104 -23.33 15.20 -14.23
CA THR A 104 -23.05 14.27 -13.14
C THR A 104 -23.74 14.75 -11.88
N ALA A 105 -24.68 13.95 -11.37
CA ALA A 105 -25.35 14.25 -10.10
C ALA A 105 -24.69 13.49 -8.95
N SER A 106 -24.66 12.17 -9.04
CA SER A 106 -23.91 11.35 -8.11
C SER A 106 -24.25 11.69 -6.66
N PRO A 107 -25.52 11.58 -6.25
CA PRO A 107 -25.92 12.03 -4.92
C PRO A 107 -25.43 11.13 -3.79
N ARG A 108 -25.31 11.75 -2.61
CA ARG A 108 -25.11 11.07 -1.35
C ARG A 108 -26.12 11.63 -0.35
N VAL A 109 -26.89 10.75 0.30
CA VAL A 109 -27.93 11.16 1.23
C VAL A 109 -27.81 10.37 2.54
N TYR A 110 -28.42 10.92 3.58
CA TYR A 110 -28.36 10.44 4.95
C TYR A 110 -29.79 10.25 5.46
N LEU A 111 -30.00 9.23 6.31
CA LEU A 111 -31.34 8.99 6.84
C LEU A 111 -31.61 9.90 8.04
N LEU A 112 -32.63 10.76 7.94
CA LEU A 112 -33.07 11.61 9.03
C LEU A 112 -34.19 10.99 9.85
N ALA A 113 -34.07 11.14 11.16
CA ALA A 113 -35.07 10.68 12.11
C ALA A 113 -36.22 11.65 12.24
N SER A 114 -35.95 12.95 12.05
CA SER A 114 -36.92 14.01 12.20
C SER A 114 -36.66 15.08 11.15
N ASP A 115 -37.73 15.73 10.71
CA ASP A 115 -37.64 16.88 9.83
C ASP A 115 -37.84 18.19 10.57
N ASP A 116 -37.84 18.14 11.90
CA ASP A 116 -37.91 19.35 12.72
C ASP A 116 -36.66 20.18 12.56
N GLU A 117 -36.73 21.41 13.04
CA GLU A 117 -35.63 22.36 12.91
C GLU A 117 -34.38 21.89 13.65
N ASP A 118 -34.55 21.05 14.68
CA ASP A 118 -33.45 20.45 15.41
C ASP A 118 -33.43 18.93 15.24
N GLY A 119 -34.05 18.42 14.17
CA GLY A 119 -34.07 16.99 13.95
C GLY A 119 -32.69 16.47 13.63
N ASN A 120 -32.39 15.28 14.14
CA ASN A 120 -31.10 14.61 13.97
C ASN A 120 -31.20 13.46 12.99
N TYR A 121 -30.02 12.98 12.57
CA TYR A 121 -29.96 11.74 11.82
C TYR A 121 -30.48 10.58 12.67
N SER A 122 -30.94 9.53 12.01
CA SER A 122 -31.22 8.29 12.73
C SER A 122 -29.90 7.66 13.15
N MET A 123 -29.78 7.30 14.41
CA MET A 123 -28.55 6.70 14.93
C MET A 123 -28.80 5.20 15.08
N LEU A 124 -28.60 4.44 14.01
CA LEU A 124 -28.82 3.01 14.03
C LEU A 124 -27.84 2.33 14.96
N GLN A 125 -28.35 1.53 15.89
CA GLN A 125 -27.54 0.71 16.75
C GLN A 125 -27.71 -0.74 16.33
N LEU A 126 -26.70 -1.29 15.65
CA LEU A 126 -26.81 -2.58 15.00
C LEU A 126 -26.00 -3.69 15.67
N LEU A 127 -25.36 -3.43 16.81
CA LEU A 127 -24.64 -4.47 17.52
C LEU A 127 -25.62 -5.52 18.04
N GLY A 128 -25.39 -6.79 17.68
CA GLY A 128 -26.34 -7.84 18.01
C GLY A 128 -27.68 -7.66 17.33
N GLN A 129 -27.67 -7.10 16.12
CA GLN A 129 -28.86 -6.73 15.38
C GLN A 129 -28.61 -7.08 13.91
N GLU A 130 -29.63 -6.90 13.08
CA GLU A 130 -29.47 -7.08 11.65
C GLU A 130 -30.10 -5.91 10.91
N LEU A 131 -29.60 -5.68 9.71
CA LEU A 131 -30.21 -4.75 8.77
C LEU A 131 -30.51 -5.49 7.48
N SER A 132 -31.72 -5.31 6.97
CA SER A 132 -32.16 -5.85 5.69
C SER A 132 -32.64 -4.73 4.78
N PHE A 133 -32.38 -4.90 3.49
CA PHE A 133 -32.98 -4.02 2.48
C PHE A 133 -33.16 -4.78 1.17
N ASP A 134 -34.13 -4.35 0.40
CA ASP A 134 -34.27 -4.79 -0.97
C ASP A 134 -33.50 -3.82 -1.88
N VAL A 135 -32.93 -4.35 -2.96
CA VAL A 135 -32.14 -3.54 -3.86
C VAL A 135 -32.37 -4.01 -5.29
N ASP A 136 -32.44 -3.03 -6.20
CA ASP A 136 -32.36 -3.27 -7.63
C ASP A 136 -31.08 -2.62 -8.14
N VAL A 137 -30.12 -3.49 -8.49
CA VAL A 137 -28.82 -3.15 -9.04
C VAL A 137 -28.75 -3.46 -10.53
N SER A 138 -29.86 -3.84 -11.15
CA SER A 138 -29.82 -4.32 -12.52
C SER A 138 -29.42 -3.24 -13.52
N LYS A 139 -29.48 -1.96 -13.14
CA LYS A 139 -29.01 -0.87 -14.01
C LYS A 139 -27.60 -0.38 -13.67
N LEU A 140 -26.91 -1.00 -12.72
CA LEU A 140 -25.57 -0.56 -12.32
C LEU A 140 -24.55 -1.34 -13.12
N VAL A 141 -23.93 -0.68 -14.10
CA VAL A 141 -22.96 -1.32 -14.99
C VAL A 141 -21.56 -1.35 -14.36
N CYS A 142 -20.60 -1.93 -15.09
CA CYS A 142 -19.21 -1.95 -14.66
C CYS A 142 -18.72 -0.55 -14.33
N GLY A 143 -17.98 -0.42 -13.24
CA GLY A 143 -17.49 0.86 -12.79
C GLY A 143 -18.43 1.63 -11.90
N MET A 144 -19.69 1.22 -11.81
CA MET A 144 -20.63 1.91 -10.95
C MET A 144 -20.57 1.32 -9.55
N ASN A 145 -20.89 2.16 -8.58
CA ASN A 145 -20.96 1.76 -7.17
C ASN A 145 -22.21 2.38 -6.58
N GLY A 146 -23.20 1.54 -6.28
CA GLY A 146 -24.32 1.92 -5.45
C GLY A 146 -24.05 1.40 -4.06
N ALA A 147 -24.07 2.29 -3.09
CA ALA A 147 -23.56 2.02 -1.75
C ALA A 147 -24.59 2.36 -0.70
N LEU A 148 -24.66 1.49 0.29
CA LEU A 148 -25.45 1.66 1.50
C LEU A 148 -24.54 1.32 2.65
N TYR A 149 -24.28 2.29 3.53
CA TYR A 149 -23.30 2.06 4.58
C TYR A 149 -23.59 2.93 5.78
N LEU A 150 -22.69 2.83 6.77
CA LEU A 150 -22.85 3.49 8.04
C LEU A 150 -21.60 4.27 8.38
N SER A 151 -21.77 5.50 8.88
CA SER A 151 -20.65 6.32 9.34
C SER A 151 -20.93 6.85 10.73
N GLU A 152 -19.91 6.85 11.60
CA GLU A 152 -20.10 7.38 12.95
C GLU A 152 -19.99 8.91 12.94
N MET A 153 -20.86 9.52 12.13
CA MET A 153 -21.06 10.96 12.14
C MET A 153 -21.74 11.40 13.46
N ASP A 154 -21.76 12.70 13.68
CA ASP A 154 -22.45 13.25 14.84
C ASP A 154 -23.94 13.31 14.55
N ALA A 155 -24.75 12.92 15.53
CA ALA A 155 -26.19 12.83 15.32
C ALA A 155 -26.79 14.16 14.86
N SER A 156 -26.21 15.30 15.26
CA SER A 156 -26.68 16.60 14.83
C SER A 156 -25.94 17.12 13.60
N GLY A 157 -24.96 16.37 13.10
CA GLY A 157 -24.19 16.84 11.97
C GLY A 157 -23.36 18.06 12.27
N GLY A 158 -22.93 18.23 13.52
CA GLY A 158 -22.13 19.37 13.87
C GLY A 158 -22.89 20.65 14.09
N ARG A 159 -24.18 20.57 14.44
CA ARG A 159 -24.99 21.76 14.60
C ARG A 159 -24.53 22.60 15.79
N ASN A 160 -24.38 23.89 15.56
CA ASN A 160 -24.04 24.89 16.57
C ASN A 160 -24.47 26.25 16.04
N SER A 161 -24.18 27.31 16.79
CA SER A 161 -24.76 28.60 16.41
C SER A 161 -24.14 29.15 15.13
N LEU A 162 -22.91 28.77 14.82
CA LEU A 162 -22.26 29.21 13.59
C LEU A 162 -22.60 28.32 12.40
N ASN A 163 -22.90 27.04 12.67
CA ASN A 163 -23.51 26.09 11.73
C ASN A 163 -24.88 25.69 12.27
N PRO A 164 -25.90 26.54 12.12
CA PRO A 164 -27.24 26.13 12.57
C PRO A 164 -27.88 25.07 11.69
N ALA A 165 -27.28 24.75 10.53
CA ALA A 165 -27.93 23.91 9.54
C ALA A 165 -28.00 22.46 9.99
N GLY A 166 -26.87 21.92 10.46
CA GLY A 166 -26.75 20.58 11.01
C GLY A 166 -27.35 19.49 10.13
N ALA A 167 -27.90 18.48 10.79
CA ALA A 167 -28.42 17.30 10.07
C ALA A 167 -29.49 17.68 9.08
N GLN A 168 -30.25 18.76 9.35
CA GLN A 168 -31.31 19.18 8.44
C GLN A 168 -30.81 19.63 7.08
N TYR A 169 -29.52 19.98 6.94
CA TYR A 169 -28.94 20.34 5.64
C TYR A 169 -27.76 19.44 5.25
N GLY A 170 -27.63 18.26 5.88
CA GLY A 170 -26.69 17.27 5.41
C GLY A 170 -25.28 17.43 5.92
N SER A 171 -25.14 18.06 7.07
CA SER A 171 -23.88 18.54 7.61
C SER A 171 -23.16 17.42 8.37
N GLY A 172 -21.82 17.48 8.38
CA GLY A 172 -21.04 16.64 9.28
C GLY A 172 -20.58 15.28 8.77
N TYR A 173 -20.56 15.05 7.45
CA TYR A 173 -20.11 13.78 6.91
C TYR A 173 -18.69 13.44 7.33
N CYS A 174 -18.43 12.15 7.47
CA CYS A 174 -17.09 11.60 7.68
C CYS A 174 -17.16 10.13 7.28
N ASP A 175 -15.99 9.55 7.05
CA ASP A 175 -15.88 8.13 6.77
C ASP A 175 -14.44 7.71 7.03
N ALA A 176 -14.12 6.46 6.72
CA ALA A 176 -12.79 5.94 7.04
C ALA A 176 -11.74 6.38 6.02
N GLN A 177 -12.12 7.09 4.98
CA GLN A 177 -11.20 7.56 3.97
C GLN A 177 -10.56 8.90 4.34
N CYS A 178 -11.02 9.55 5.42
CA CYS A 178 -10.40 10.76 5.95
C CYS A 178 -10.22 11.82 4.88
N GLY A 179 -11.29 12.04 4.11
CA GLY A 179 -11.18 12.92 2.96
C GLY A 179 -11.09 14.37 3.39
N VAL A 180 -10.30 15.14 2.64
CA VAL A 180 -10.20 16.56 2.89
C VAL A 180 -11.43 17.24 2.31
N GLN A 181 -12.12 18.03 3.13
CA GLN A 181 -13.38 18.64 2.73
C GLN A 181 -13.49 19.99 3.44
N PRO A 182 -14.23 20.95 2.89
CA PRO A 182 -14.14 22.33 3.42
C PRO A 182 -14.79 22.51 4.76
N PHE A 183 -15.78 21.68 5.16
CA PHE A 183 -16.27 21.73 6.52
C PHE A 183 -16.14 20.35 7.14
N ILE A 184 -15.66 20.31 8.40
CA ILE A 184 -15.54 19.06 9.15
C ILE A 184 -16.37 19.22 10.43
N ASN A 185 -17.37 18.36 10.59
CA ASN A 185 -18.27 18.41 11.74
C ASN A 185 -18.86 19.81 11.91
N GLY A 186 -19.24 20.43 10.80
CA GLY A 186 -19.88 21.71 10.89
C GLY A 186 -18.96 22.89 11.02
N THR A 187 -17.64 22.66 11.12
CA THR A 187 -16.65 23.71 11.28
C THR A 187 -15.81 23.86 10.02
N VAL A 188 -15.55 25.12 9.66
CA VAL A 188 -14.63 25.47 8.58
C VAL A 188 -13.31 24.75 8.72
N ASN A 189 -12.89 24.08 7.66
CA ASN A 189 -11.57 23.46 7.54
C ASN A 189 -10.73 24.38 6.66
N THR A 190 -10.00 25.29 7.30
CA THR A 190 -9.19 26.23 6.52
C THR A 190 -8.03 25.54 5.80
N GLY A 191 -7.53 24.42 6.34
CA GLY A 191 -6.39 23.83 5.66
C GLY A 191 -6.05 22.37 5.85
N SER A 192 -6.53 21.56 4.92
CA SER A 192 -6.04 20.21 4.63
C SER A 192 -6.32 19.15 5.70
N LEU A 193 -7.14 19.41 6.70
CA LEU A 193 -7.57 18.35 7.60
C LEU A 193 -8.53 17.39 6.89
N GLY A 194 -8.54 16.14 7.32
CA GLY A 194 -9.46 15.14 6.79
C GLY A 194 -10.53 14.77 7.80
N ALA A 195 -11.69 14.33 7.29
CA ALA A 195 -12.86 14.01 8.14
C ALA A 195 -12.97 12.50 8.30
N CYS A 196 -12.58 12.01 9.47
CA CYS A 196 -12.41 10.59 9.77
C CYS A 196 -13.48 10.11 10.72
N CYS A 197 -13.93 8.87 10.53
CA CYS A 197 -14.68 8.17 11.56
C CYS A 197 -14.85 6.72 11.14
N ASN A 198 -15.13 5.87 12.12
CA ASN A 198 -15.49 4.47 11.88
C ASN A 198 -16.54 4.37 10.79
N GLU A 199 -16.35 3.41 9.89
CA GLU A 199 -17.25 3.26 8.75
C GLU A 199 -17.53 1.78 8.55
N MET A 200 -18.80 1.42 8.37
CA MET A 200 -19.22 0.04 8.11
C MET A 200 -19.91 -0.02 6.74
N ASP A 201 -19.21 -0.53 5.72
CA ASP A 201 -19.71 -0.54 4.36
C ASP A 201 -20.49 -1.83 4.18
N ILE A 202 -21.77 -1.77 4.53
CA ILE A 202 -22.65 -2.92 4.36
C ILE A 202 -22.70 -3.35 2.91
N TRP A 203 -22.78 -2.38 1.99
CA TRP A 203 -23.12 -2.69 0.60
C TRP A 203 -22.42 -1.71 -0.34
N GLU A 204 -21.48 -2.23 -1.12
CA GLU A 204 -20.92 -1.53 -2.27
C GLU A 204 -21.04 -2.46 -3.47
N ALA A 205 -21.77 -2.03 -4.50
CA ALA A 205 -22.09 -3.06 -5.49
C ALA A 205 -22.56 -2.46 -6.79
N ASN A 206 -22.43 -3.27 -7.84
CA ASN A 206 -23.14 -3.07 -9.09
C ASN A 206 -23.73 -4.42 -9.46
N ALA A 207 -24.20 -4.59 -10.71
CA ALA A 207 -24.81 -5.85 -11.12
C ALA A 207 -23.79 -6.96 -11.27
N LEU A 208 -22.49 -6.65 -11.20
CA LEU A 208 -21.45 -7.61 -11.53
C LEU A 208 -20.68 -8.11 -10.30
N ALA A 209 -20.70 -7.35 -9.20
CA ALA A 209 -19.86 -7.66 -8.04
C ALA A 209 -20.36 -6.88 -6.83
N THR A 210 -20.04 -7.40 -5.64
CA THR A 210 -20.44 -6.78 -4.39
C THR A 210 -19.35 -6.94 -3.32
N ALA A 211 -19.23 -5.95 -2.45
CA ALA A 211 -18.27 -6.02 -1.34
C ALA A 211 -18.92 -5.56 -0.04
N LEU A 212 -18.57 -6.24 1.04
CA LEU A 212 -18.92 -5.88 2.41
C LEU A 212 -17.62 -5.57 3.16
N THR A 213 -17.44 -4.35 3.62
CA THR A 213 -16.14 -3.92 4.16
C THR A 213 -16.25 -3.14 5.47
N PRO A 214 -15.85 -3.71 6.60
CA PRO A 214 -15.66 -2.90 7.81
C PRO A 214 -14.36 -2.10 7.72
N HIS A 215 -14.42 -0.83 8.15
CA HIS A 215 -13.29 0.10 8.17
C HIS A 215 -13.20 0.70 9.58
N PRO A 216 -12.37 0.16 10.45
CA PRO A 216 -12.25 0.74 11.79
C PRO A 216 -11.29 1.93 11.83
N CYS A 217 -11.50 2.78 12.84
CA CYS A 217 -10.58 3.85 13.16
C CYS A 217 -10.22 3.73 14.64
N SER A 218 -9.13 4.39 15.01
CA SER A 218 -8.71 4.42 16.40
C SER A 218 -9.40 5.52 17.18
N VAL A 219 -10.36 6.21 16.59
CA VAL A 219 -11.10 7.28 17.26
C VAL A 219 -12.55 6.85 17.39
N THR A 220 -13.33 7.63 18.15
CA THR A 220 -14.76 7.42 18.31
C THR A 220 -15.49 8.69 17.84
N SER A 221 -16.53 8.51 17.06
CA SER A 221 -17.18 9.60 16.34
C SER A 221 -16.17 10.37 15.49
N ILE A 222 -16.56 11.55 15.01
CA ILE A 222 -15.85 12.24 13.94
C ILE A 222 -14.55 12.85 14.45
N TYR A 223 -13.57 12.96 13.56
CA TYR A 223 -12.22 13.38 13.95
C TYR A 223 -11.53 14.06 12.77
N ALA A 224 -10.95 15.22 13.00
CA ALA A 224 -10.22 15.93 11.94
C ALA A 224 -8.76 15.53 12.02
N CYS A 225 -8.32 14.72 11.06
CA CYS A 225 -6.94 14.25 10.99
C CYS A 225 -6.04 15.27 10.32
N SER A 226 -4.77 15.22 10.71
CA SER A 226 -3.73 16.06 10.16
C SER A 226 -2.54 15.20 9.73
N GLY A 227 -2.03 15.43 8.52
CA GLY A 227 -0.78 14.79 8.13
C GLY A 227 -0.89 13.29 8.05
N ALA A 228 0.11 12.60 8.60
CA ALA A 228 0.14 11.14 8.54
C ALA A 228 -1.06 10.49 9.21
N GLU A 229 -1.75 11.20 10.10
CA GLU A 229 -3.00 10.69 10.67
C GLU A 229 -4.02 10.35 9.59
N CYS A 230 -3.95 11.03 8.45
CA CYS A 230 -4.85 10.84 7.32
C CYS A 230 -4.35 9.75 6.37
N GLY A 231 -3.19 9.16 6.66
CA GLY A 231 -2.62 8.13 5.80
C GLY A 231 -3.41 6.84 5.80
N SER A 232 -2.96 5.93 4.93
CA SER A 232 -3.74 4.71 4.68
C SER A 232 -3.78 3.79 5.91
N ASN A 233 -2.71 3.76 6.70
CA ASN A 233 -2.76 3.21 8.05
C ASN A 233 -2.41 4.35 9.03
N GLY A 234 -3.35 5.28 9.18
CA GLY A 234 -3.24 6.38 10.12
C GLY A 234 -4.25 6.17 11.23
N VAL A 235 -5.09 7.16 11.53
CA VAL A 235 -6.13 6.90 12.53
C VAL A 235 -7.22 5.99 11.96
N CYS A 236 -7.32 5.83 10.65
CA CYS A 236 -8.34 5.00 10.06
C CYS A 236 -7.73 3.95 9.15
N ASP A 237 -8.53 2.93 8.89
CA ASP A 237 -8.18 1.80 8.04
C ASP A 237 -8.82 2.03 6.67
N LYS A 238 -8.09 2.73 5.79
CA LYS A 238 -8.64 3.02 4.46
C LYS A 238 -8.95 1.76 3.65
N PRO A 239 -8.06 0.77 3.56
CA PRO A 239 -8.40 -0.43 2.75
C PRO A 239 -9.58 -1.21 3.31
N GLY A 240 -9.58 -1.45 4.61
CA GLY A 240 -10.68 -2.17 5.22
C GLY A 240 -10.65 -3.66 4.92
N CYS A 241 -11.55 -4.36 5.58
CA CYS A 241 -11.62 -5.82 5.48
C CYS A 241 -12.68 -6.22 4.45
N GLY A 242 -12.30 -6.17 3.16
CA GLY A 242 -13.27 -6.39 2.09
C GLY A 242 -13.65 -7.85 1.87
N TYR A 243 -14.96 -8.13 1.86
CA TYR A 243 -15.56 -9.44 1.64
C TYR A 243 -16.32 -9.41 0.31
N ASN A 244 -15.81 -10.10 -0.70
CA ASN A 244 -16.39 -10.15 -2.04
C ASN A 244 -16.46 -11.60 -2.48
N PRO A 245 -17.65 -12.16 -2.73
CA PRO A 245 -17.75 -13.61 -2.95
C PRO A 245 -17.13 -14.07 -4.25
N TYR A 246 -17.03 -13.19 -5.24
CA TYR A 246 -16.30 -13.51 -6.45
C TYR A 246 -14.81 -13.70 -6.14
N ALA A 247 -14.24 -12.77 -5.39
CA ALA A 247 -12.81 -12.78 -5.09
C ALA A 247 -12.45 -13.94 -4.18
N LEU A 248 -13.39 -14.39 -3.35
CA LEU A 248 -13.12 -15.41 -2.35
C LEU A 248 -13.46 -16.81 -2.82
N GLY A 249 -13.82 -16.98 -4.10
CA GLY A 249 -13.73 -18.29 -4.68
C GLY A 249 -14.92 -18.78 -5.47
N ASP A 250 -16.02 -18.05 -5.49
CA ASP A 250 -17.21 -18.49 -6.22
C ASP A 250 -17.57 -17.45 -7.28
N HIS A 251 -17.11 -17.67 -8.51
CA HIS A 251 -17.47 -16.76 -9.59
C HIS A 251 -18.94 -16.85 -10.01
N ASN A 252 -19.69 -17.83 -9.51
CA ASN A 252 -21.08 -17.96 -9.92
C ASN A 252 -22.07 -17.63 -8.81
N TYR A 253 -21.61 -17.08 -7.67
CA TYR A 253 -22.53 -16.70 -6.60
C TYR A 253 -23.44 -15.54 -7.03
N TYR A 254 -22.84 -14.43 -7.44
CA TYR A 254 -23.46 -13.11 -7.51
C TYR A 254 -23.26 -12.49 -8.89
N GLY A 255 -24.36 -12.08 -9.53
CA GLY A 255 -24.28 -11.49 -10.85
C GLY A 255 -25.45 -11.89 -11.73
N PRO A 256 -25.46 -11.42 -12.98
CA PRO A 256 -26.60 -11.71 -13.88
C PRO A 256 -26.78 -13.20 -14.12
N GLY A 257 -27.99 -13.68 -13.86
CA GLY A 257 -28.28 -15.09 -14.02
C GLY A 257 -27.57 -16.02 -13.04
N LYS A 258 -26.98 -15.48 -11.99
CA LYS A 258 -26.22 -16.30 -11.04
C LYS A 258 -27.07 -16.58 -9.81
N THR A 259 -26.46 -17.24 -8.82
CA THR A 259 -27.21 -17.72 -7.66
C THR A 259 -28.05 -16.60 -7.03
N VAL A 260 -27.40 -15.46 -6.76
CA VAL A 260 -28.09 -14.21 -6.46
C VAL A 260 -28.15 -13.50 -7.80
N ASP A 261 -29.33 -13.49 -8.42
CA ASP A 261 -29.49 -13.02 -9.80
C ASP A 261 -29.64 -11.51 -9.82
N THR A 262 -28.59 -10.80 -10.18
CA THR A 262 -28.67 -9.34 -10.18
C THR A 262 -29.47 -8.79 -11.35
N SER A 263 -29.96 -9.65 -12.26
CA SER A 263 -30.86 -9.20 -13.31
C SER A 263 -32.17 -8.66 -12.77
N ARG A 264 -32.47 -8.89 -11.49
CA ARG A 264 -33.75 -8.54 -10.94
C ARG A 264 -33.60 -8.39 -9.42
N PRO A 265 -34.58 -7.78 -8.75
CA PRO A 265 -34.35 -7.31 -7.37
C PRO A 265 -34.14 -8.44 -6.38
N PHE A 266 -33.52 -8.10 -5.24
CA PHE A 266 -33.32 -9.11 -4.21
C PHE A 266 -33.16 -8.43 -2.86
N THR A 267 -33.13 -9.23 -1.80
CA THR A 267 -33.02 -8.74 -0.43
C THR A 267 -31.64 -9.07 0.12
N VAL A 268 -31.05 -8.10 0.82
CA VAL A 268 -29.72 -8.20 1.43
C VAL A 268 -29.90 -8.12 2.94
N VAL A 269 -29.45 -9.16 3.65
CA VAL A 269 -29.53 -9.26 5.10
C VAL A 269 -28.10 -9.27 5.63
N THR A 270 -27.83 -8.44 6.64
CA THR A 270 -26.52 -8.35 7.27
C THR A 270 -26.71 -8.43 8.79
N GLN A 271 -26.08 -9.43 9.40
CA GLN A 271 -26.24 -9.74 10.81
C GLN A 271 -24.93 -9.49 11.53
N PHE A 272 -24.97 -8.71 12.62
CA PHE A 272 -23.77 -8.39 13.37
C PHE A 272 -23.85 -9.17 14.68
N LEU A 273 -23.26 -10.36 14.65
CA LEU A 273 -23.44 -11.38 15.68
C LEU A 273 -22.42 -11.18 16.77
N THR A 274 -22.91 -11.17 18.01
CA THR A 274 -22.09 -11.03 19.20
C THR A 274 -21.87 -12.38 19.86
N ASN A 275 -20.82 -12.44 20.70
CA ASN A 275 -20.45 -13.69 21.33
C ASN A 275 -21.58 -14.26 22.21
N ASP A 276 -22.30 -13.40 22.92
CA ASP A 276 -23.35 -13.85 23.83
C ASP A 276 -24.76 -13.60 23.28
N ASN A 277 -24.90 -13.39 21.98
CA ASN A 277 -26.21 -13.17 21.34
C ASN A 277 -26.98 -12.01 21.95
N THR A 278 -26.32 -11.05 22.59
CA THR A 278 -27.01 -9.88 23.11
C THR A 278 -26.54 -8.64 22.37
N THR A 279 -27.28 -7.55 22.56
CA THR A 279 -26.92 -6.28 21.95
C THR A 279 -25.84 -5.55 22.72
N THR A 280 -25.22 -6.20 23.69
CA THR A 280 -24.13 -5.61 24.46
C THR A 280 -22.89 -6.48 24.49
N GLY A 281 -22.92 -7.64 23.86
CA GLY A 281 -21.76 -8.49 23.77
C GLY A 281 -20.75 -7.93 22.80
N THR A 282 -19.79 -8.78 22.45
CA THR A 282 -18.70 -8.39 21.58
C THR A 282 -18.99 -8.86 20.17
N LEU A 283 -18.90 -7.95 19.20
CA LEU A 283 -19.05 -8.33 17.81
C LEU A 283 -17.98 -9.33 17.44
N THR A 284 -18.39 -10.53 17.04
CA THR A 284 -17.44 -11.56 16.65
C THR A 284 -17.68 -12.08 15.25
N GLU A 285 -18.84 -11.84 14.64
CA GLU A 285 -19.03 -12.30 13.28
C GLU A 285 -19.99 -11.36 12.54
N ILE A 286 -19.72 -11.11 11.26
CA ILE A 286 -20.65 -10.43 10.38
C ILE A 286 -21.06 -11.41 9.31
N ARG A 287 -22.38 -11.59 9.14
CA ARG A 287 -22.94 -12.66 8.34
C ARG A 287 -23.91 -12.10 7.31
N ARG A 288 -23.83 -12.60 6.08
CA ARG A 288 -24.59 -12.11 4.93
C ARG A 288 -25.52 -13.20 4.40
N LEU A 289 -26.80 -12.84 4.24
CA LEU A 289 -27.79 -13.70 3.59
C LEU A 289 -28.45 -12.88 2.49
N TYR A 290 -28.93 -13.56 1.45
CA TYR A 290 -29.74 -12.93 0.43
C TYR A 290 -31.10 -13.63 0.41
N VAL A 291 -32.12 -12.92 -0.03
CA VAL A 291 -33.41 -13.55 -0.26
C VAL A 291 -33.86 -13.21 -1.66
N GLN A 292 -34.20 -14.23 -2.44
CA GLN A 292 -34.69 -13.98 -3.78
C GLN A 292 -35.60 -15.13 -4.16
N ASP A 293 -36.74 -14.80 -4.77
CA ASP A 293 -37.76 -15.78 -5.11
C ASP A 293 -38.26 -16.49 -3.86
N GLY A 294 -38.30 -15.78 -2.74
CA GLY A 294 -38.72 -16.39 -1.51
C GLY A 294 -37.81 -17.48 -1.01
N ASN A 295 -36.55 -17.48 -1.45
CA ASN A 295 -35.56 -18.44 -0.97
C ASN A 295 -34.46 -17.69 -0.26
N VAL A 296 -34.05 -18.22 0.89
CA VAL A 296 -32.92 -17.69 1.64
C VAL A 296 -31.66 -18.33 1.08
N ILE A 297 -30.74 -17.49 0.64
CA ILE A 297 -29.50 -17.89 0.00
C ILE A 297 -28.40 -17.55 0.99
N GLY A 298 -27.76 -18.56 1.54
CA GLY A 298 -26.71 -18.35 2.53
C GLY A 298 -25.35 -18.19 1.86
N PRO A 299 -24.30 -18.16 2.67
CA PRO A 299 -22.97 -17.99 2.09
C PRO A 299 -22.61 -19.16 1.18
N SER A 300 -21.89 -18.87 0.11
CA SER A 300 -21.46 -19.90 -0.81
C SER A 300 -20.49 -20.86 -0.13
N PRO A 301 -20.74 -22.17 -0.19
CA PRO A 301 -19.75 -23.14 0.34
C PRO A 301 -18.48 -23.18 -0.48
N SER A 302 -18.48 -22.61 -1.68
CA SER A 302 -17.28 -22.53 -2.49
C SER A 302 -16.35 -21.39 -2.07
N ASP A 303 -16.86 -20.39 -1.36
CA ASP A 303 -16.00 -19.37 -0.81
C ASP A 303 -15.11 -19.96 0.28
N SER A 304 -13.92 -19.35 0.43
CA SER A 304 -12.95 -19.82 1.39
C SER A 304 -13.43 -19.65 2.81
N VAL A 305 -14.25 -18.62 3.05
CA VAL A 305 -14.88 -18.42 4.35
C VAL A 305 -16.35 -18.12 4.10
N SER A 306 -17.13 -18.22 5.17
CA SER A 306 -18.57 -18.08 5.07
C SER A 306 -19.07 -16.81 5.75
N SER A 307 -18.18 -16.03 6.35
CA SER A 307 -18.59 -14.83 7.06
C SER A 307 -17.33 -14.04 7.35
N ILE A 308 -17.51 -12.81 7.82
CA ILE A 308 -16.39 -11.98 8.24
C ILE A 308 -16.10 -12.25 9.71
N THR A 309 -14.84 -12.54 10.01
CA THR A 309 -14.34 -12.66 11.37
C THR A 309 -12.98 -11.99 11.44
N ASP A 310 -12.45 -11.85 12.67
CA ASP A 310 -11.14 -11.21 12.82
C ASP A 310 -10.04 -11.96 12.08
N SER A 311 -10.08 -13.30 12.08
CA SER A 311 -9.01 -14.05 11.42
C SER A 311 -9.13 -13.95 9.88
N PHE A 312 -10.34 -14.00 9.34
CA PHE A 312 -10.52 -13.60 7.95
C PHE A 312 -9.78 -12.28 7.68
N CYS A 313 -10.26 -11.24 8.38
CA CYS A 313 -9.85 -9.87 8.14
C CYS A 313 -8.35 -9.75 8.18
N SER A 314 -7.70 -10.43 9.14
CA SER A 314 -6.25 -10.30 9.18
C SER A 314 -5.60 -10.96 7.99
N THR A 315 -6.27 -11.95 7.37
CA THR A 315 -5.70 -12.44 6.12
C THR A 315 -5.81 -11.39 5.01
N VAL A 316 -6.82 -10.52 5.04
CA VAL A 316 -6.93 -9.56 3.92
C VAL A 316 -6.51 -8.13 4.27
N ASP A 317 -6.20 -7.83 5.52
CA ASP A 317 -6.07 -6.44 5.98
C ASP A 317 -5.28 -6.45 7.29
N SER A 318 -3.98 -6.17 7.21
CA SER A 318 -3.14 -6.31 8.40
C SER A 318 -3.29 -5.16 9.39
N TYR A 319 -4.11 -4.15 9.09
CA TYR A 319 -4.31 -3.02 9.98
C TYR A 319 -5.68 -3.07 10.67
N PHE A 320 -6.51 -4.05 10.31
CA PHE A 320 -7.84 -4.19 10.90
C PHE A 320 -7.77 -4.43 12.41
N GLU A 321 -6.97 -5.40 12.85
CA GLU A 321 -6.94 -5.72 14.28
C GLU A 321 -6.20 -4.69 15.13
N PRO A 322 -5.09 -4.09 14.67
CA PRO A 322 -4.47 -3.01 15.49
C PRO A 322 -5.41 -1.86 15.80
N LEU A 323 -6.41 -1.59 14.96
CA LEU A 323 -7.40 -0.55 15.22
C LEU A 323 -8.64 -1.09 15.96
N GLY A 324 -8.54 -2.28 16.56
CA GLY A 324 -9.56 -2.82 17.42
C GLY A 324 -10.42 -3.90 16.79
N GLY A 325 -10.25 -4.16 15.50
CA GLY A 325 -10.98 -5.25 14.86
C GLY A 325 -12.49 -5.16 15.03
N LEU A 326 -13.13 -6.34 15.03
CA LEU A 326 -14.57 -6.39 15.12
C LEU A 326 -15.09 -5.93 16.49
N LYS A 327 -14.33 -6.12 17.56
CA LYS A 327 -14.81 -5.64 18.86
C LYS A 327 -15.06 -4.14 18.84
N GLU A 328 -14.08 -3.35 18.38
CA GLU A 328 -14.30 -1.91 18.37
C GLU A 328 -15.25 -1.48 17.25
N MET A 329 -15.27 -2.21 16.14
CA MET A 329 -16.31 -2.00 15.13
C MET A 329 -17.72 -2.15 15.73
N GLY A 330 -17.92 -3.22 16.51
CA GLY A 330 -19.20 -3.42 17.16
C GLY A 330 -19.48 -2.39 18.22
N GLU A 331 -18.44 -1.85 18.85
CA GLU A 331 -18.69 -0.77 19.81
C GLU A 331 -19.19 0.49 19.11
N ALA A 332 -18.64 0.77 17.92
CA ALA A 332 -19.16 1.87 17.12
C ALA A 332 -20.60 1.60 16.67
N LEU A 333 -20.90 0.35 16.28
CA LEU A 333 -22.27 0.00 15.92
C LEU A 333 -23.21 0.11 17.12
N GLY A 334 -22.71 -0.15 18.32
CA GLY A 334 -23.54 -0.01 19.51
C GLY A 334 -23.77 1.41 19.95
N ARG A 335 -22.77 2.29 19.75
CA ARG A 335 -22.99 3.71 20.03
C ARG A 335 -24.03 4.30 19.11
N GLY A 336 -24.04 3.88 17.85
CA GLY A 336 -24.99 4.37 16.88
C GLY A 336 -24.29 5.06 15.73
N MET A 337 -24.78 4.81 14.51
CA MET A 337 -24.17 5.30 13.29
C MET A 337 -25.24 5.75 12.29
N VAL A 338 -24.82 6.61 11.38
CA VAL A 338 -25.69 7.26 10.41
C VAL A 338 -25.76 6.41 9.15
N LEU A 339 -26.98 6.19 8.65
CA LEU A 339 -27.20 5.43 7.42
C LEU A 339 -27.03 6.34 6.21
N VAL A 340 -26.15 5.93 5.29
CA VAL A 340 -25.72 6.70 4.14
C VAL A 340 -26.04 5.89 2.89
N PHE A 341 -26.56 6.57 1.87
CA PHE A 341 -26.87 6.02 0.55
C PHE A 341 -26.12 6.85 -0.47
N SER A 342 -25.42 6.21 -1.41
CA SER A 342 -24.78 7.00 -2.46
C SER A 342 -24.66 6.20 -3.74
N ILE A 343 -24.50 6.93 -4.84
CA ILE A 343 -24.12 6.33 -6.11
C ILE A 343 -22.97 7.15 -6.69
N TRP A 344 -21.94 6.46 -7.19
CA TRP A 344 -20.79 7.16 -7.74
C TRP A 344 -20.02 6.26 -8.68
N ASN A 345 -19.13 6.88 -9.45
CA ASN A 345 -18.17 6.16 -10.28
C ASN A 345 -16.79 6.81 -10.10
N ASP A 346 -15.79 6.32 -10.83
CA ASP A 346 -14.38 6.47 -10.43
C ASP A 346 -13.49 6.82 -11.62
N PRO A 347 -13.20 8.10 -11.86
CA PRO A 347 -12.32 8.46 -12.99
C PRO A 347 -10.88 8.00 -12.81
N GLY A 348 -10.49 7.57 -11.62
CA GLY A 348 -9.13 7.14 -11.39
C GLY A 348 -8.89 5.67 -11.69
N GLN A 349 -9.55 4.77 -10.95
CA GLN A 349 -9.38 3.34 -11.15
C GLN A 349 -10.62 2.62 -11.69
N PHE A 350 -11.69 3.32 -12.04
CA PHE A 350 -12.84 2.71 -12.71
C PHE A 350 -13.57 1.68 -11.85
N MET A 351 -13.48 1.76 -10.52
CA MET A 351 -13.91 0.71 -9.58
C MET A 351 -13.26 -0.64 -9.84
N ASN A 352 -12.09 -0.72 -10.47
CA ASN A 352 -11.55 -2.04 -10.77
C ASN A 352 -11.38 -2.89 -9.50
N TRP A 353 -11.23 -2.24 -8.33
CA TRP A 353 -11.13 -2.97 -7.07
C TRP A 353 -12.42 -3.70 -6.71
N LEU A 354 -13.56 -3.28 -7.24
CA LEU A 354 -14.85 -3.88 -6.90
C LEU A 354 -15.23 -4.99 -7.86
N ASP A 355 -15.08 -4.79 -9.17
CA ASP A 355 -15.73 -5.62 -10.17
C ASP A 355 -14.82 -6.10 -11.30
N SER A 356 -13.49 -5.96 -11.18
CA SER A 356 -12.57 -6.31 -12.26
C SER A 356 -11.39 -7.08 -11.67
N GLY A 357 -10.58 -7.70 -12.51
CA GLY A 357 -9.47 -8.46 -11.98
C GLY A 357 -9.95 -9.66 -11.20
N ASN A 358 -9.38 -9.84 -9.99
CA ASN A 358 -9.80 -10.95 -9.13
C ASN A 358 -11.17 -10.71 -8.52
N ALA A 359 -11.67 -9.48 -8.57
CA ALA A 359 -12.82 -9.08 -7.82
C ALA A 359 -14.13 -9.20 -8.60
N GLY A 360 -14.08 -9.36 -9.92
CA GLY A 360 -15.30 -9.43 -10.71
C GLY A 360 -15.01 -9.69 -12.17
N PRO A 361 -16.08 -9.74 -12.98
CA PRO A 361 -15.93 -10.11 -14.40
C PRO A 361 -15.67 -8.96 -15.34
N CYS A 362 -15.60 -7.72 -14.87
CA CYS A 362 -15.55 -6.61 -15.78
C CYS A 362 -14.20 -6.47 -16.46
N ASN A 363 -14.25 -6.23 -17.76
CA ASN A 363 -13.10 -5.74 -18.51
C ASN A 363 -12.52 -4.49 -17.85
N SER A 364 -11.18 -4.40 -17.88
CA SER A 364 -10.48 -3.40 -17.09
C SER A 364 -10.90 -1.98 -17.43
N THR A 365 -11.22 -1.70 -18.70
CA THR A 365 -11.60 -0.35 -19.10
C THR A 365 -13.11 -0.16 -19.27
N GLU A 366 -13.91 -1.19 -18.95
CA GLU A 366 -15.35 -1.09 -19.15
C GLU A 366 -15.96 0.00 -18.28
N GLY A 367 -15.43 0.22 -17.09
CA GLY A 367 -15.98 1.17 -16.13
C GLY A 367 -15.41 2.58 -16.18
N ASN A 368 -14.74 2.92 -17.27
CA ASN A 368 -14.39 4.29 -17.54
C ASN A 368 -15.65 5.19 -17.44
N PRO A 369 -15.69 6.15 -16.52
CA PRO A 369 -16.82 7.10 -16.51
C PRO A 369 -17.14 7.73 -17.86
N ALA A 370 -16.16 7.92 -18.75
CA ALA A 370 -16.47 8.48 -20.05
C ALA A 370 -17.39 7.56 -20.84
N THR A 371 -17.13 6.25 -20.83
CA THR A 371 -18.04 5.36 -21.54
C THR A 371 -19.34 5.19 -20.79
N ILE A 372 -19.31 5.20 -19.45
CA ILE A 372 -20.54 5.09 -18.67
C ILE A 372 -21.49 6.22 -19.04
N GLU A 373 -20.98 7.46 -19.02
CA GLU A 373 -21.83 8.60 -19.38
C GLU A 373 -22.28 8.53 -20.83
N ALA A 374 -21.40 8.11 -21.75
CA ALA A 374 -21.82 8.07 -23.15
C ALA A 374 -22.88 7.00 -23.38
N GLN A 375 -22.72 5.84 -22.78
CA GLN A 375 -23.53 4.69 -23.12
C GLN A 375 -24.59 4.30 -22.11
N HIS A 376 -24.43 4.68 -20.84
CA HIS A 376 -25.38 4.29 -19.79
C HIS A 376 -25.76 5.49 -18.92
N PRO A 377 -26.24 6.57 -19.53
CA PRO A 377 -26.59 7.76 -18.73
C PRO A 377 -27.72 7.51 -17.73
N ASP A 378 -28.50 6.45 -17.91
CA ASP A 378 -29.61 6.17 -17.01
C ASP A 378 -29.23 5.26 -15.84
N THR A 379 -27.95 4.99 -15.65
CA THR A 379 -27.55 4.08 -14.59
C THR A 379 -28.00 4.64 -13.24
N ALA A 380 -28.54 3.74 -12.40
CA ALA A 380 -29.19 4.16 -11.16
C ALA A 380 -29.34 2.95 -10.26
N VAL A 381 -29.59 3.21 -8.97
CA VAL A 381 -29.82 2.14 -7.99
C VAL A 381 -31.10 2.44 -7.23
N THR A 382 -31.88 1.40 -6.90
CA THR A 382 -33.06 1.58 -6.05
C THR A 382 -32.94 0.73 -4.78
N PHE A 383 -32.94 1.40 -3.62
CA PHE A 383 -32.99 0.74 -2.32
C PHE A 383 -34.40 0.86 -1.77
N SER A 384 -34.90 -0.21 -1.15
CA SER A 384 -36.25 -0.13 -0.61
C SER A 384 -36.41 -1.10 0.56
N ASN A 385 -37.53 -0.97 1.26
CA ASN A 385 -37.91 -1.94 2.27
C ASN A 385 -36.80 -2.09 3.31
N ILE A 386 -36.39 -0.97 3.89
CA ILE A 386 -35.23 -0.92 4.77
C ILE A 386 -35.69 -1.16 6.21
N ARG A 387 -35.10 -2.16 6.85
CA ARG A 387 -35.57 -2.68 8.13
C ARG A 387 -34.36 -3.01 8.98
N TRP A 388 -34.38 -2.66 10.26
CA TRP A 388 -33.31 -3.15 11.13
C TRP A 388 -33.88 -3.50 12.50
N GLY A 389 -33.23 -4.45 13.16
CA GLY A 389 -33.78 -4.88 14.43
C GLY A 389 -33.22 -6.23 14.86
N ASP A 390 -34.01 -6.94 15.65
CA ASP A 390 -33.56 -8.22 16.21
C ASP A 390 -33.18 -9.20 15.10
N ILE A 391 -32.14 -10.00 15.36
CA ILE A 391 -31.73 -11.05 14.44
C ILE A 391 -32.93 -11.88 14.05
N GLY A 392 -33.12 -12.06 12.74
CA GLY A 392 -34.21 -12.85 12.22
C GLY A 392 -35.55 -12.15 12.10
N SER A 393 -35.69 -10.93 12.58
CA SER A 393 -36.99 -10.27 12.61
C SER A 393 -37.23 -9.34 11.43
N THR A 394 -36.24 -9.11 10.56
CA THR A 394 -36.34 -8.12 9.50
C THR A 394 -36.59 -8.72 8.11
N PHE A 395 -36.69 -10.05 7.99
CA PHE A 395 -36.84 -10.63 6.66
C PHE A 395 -37.68 -11.92 6.69
N GLN A 396 -38.22 -12.23 5.51
CA GLN A 396 -39.02 -13.42 5.14
C GLN A 396 -38.94 -14.61 6.10
N GLN B 2 -0.71 -20.52 34.23
CA GLN B 2 0.14 -21.53 34.83
C GLN B 2 0.48 -22.61 33.83
N ILE B 3 1.24 -23.60 34.27
CA ILE B 3 1.59 -24.76 33.49
C ILE B 3 0.89 -25.93 34.15
N GLY B 4 0.17 -26.71 33.36
CA GLY B 4 -0.68 -27.77 33.86
C GLY B 4 0.05 -29.07 34.07
N THR B 5 -0.72 -30.17 33.96
CA THR B 5 -0.27 -31.49 34.33
C THR B 5 -0.13 -32.44 33.15
N ILE B 6 -0.70 -32.10 32.00
CA ILE B 6 -0.56 -32.95 30.83
C ILE B 6 0.84 -32.74 30.24
N PRO B 7 1.62 -33.79 30.06
CA PRO B 7 3.04 -33.60 29.80
C PRO B 7 3.27 -33.09 28.39
N GLU B 8 4.24 -32.17 28.29
CA GLU B 8 4.66 -31.57 27.02
C GLU B 8 5.89 -32.33 26.53
N VAL B 9 5.75 -33.04 25.42
CA VAL B 9 6.81 -33.91 24.92
C VAL B 9 7.20 -33.41 23.53
N HIS B 10 8.37 -32.79 23.42
CA HIS B 10 8.75 -32.15 22.17
C HIS B 10 9.34 -33.18 21.22
N PRO B 11 8.82 -33.27 19.99
CA PRO B 11 9.45 -34.14 18.98
C PRO B 11 10.92 -33.78 18.79
N LYS B 12 11.78 -34.80 18.85
CA LYS B 12 13.22 -34.58 18.69
C LYS B 12 13.54 -34.30 17.22
N LEU B 13 14.41 -33.32 16.99
CA LEU B 13 14.85 -32.96 15.65
C LEU B 13 16.32 -32.56 15.66
N PRO B 14 17.22 -33.51 15.39
CA PRO B 14 18.65 -33.18 15.42
C PRO B 14 19.03 -32.17 14.34
N THR B 15 19.96 -31.29 14.68
CA THR B 15 20.43 -30.31 13.69
C THR B 15 21.95 -30.29 13.72
N TRP B 16 22.58 -29.43 12.93
CA TRP B 16 24.04 -29.44 12.83
C TRP B 16 24.60 -28.03 12.86
N LYS B 17 25.64 -27.85 13.68
CA LYS B 17 26.51 -26.67 13.65
C LYS B 17 27.78 -27.02 12.90
N CYS B 18 28.10 -26.27 11.84
CA CYS B 18 29.23 -26.59 10.98
C CYS B 18 30.28 -25.50 10.97
N THR B 19 31.55 -25.90 10.94
CA THR B 19 32.67 -24.97 10.76
C THR B 19 33.61 -25.49 9.68
N THR B 20 34.29 -24.56 9.00
CA THR B 20 35.19 -24.95 7.91
C THR B 20 36.26 -25.92 8.39
N GLU B 21 36.80 -25.71 9.57
CA GLU B 21 37.94 -26.51 10.02
C GLU B 21 37.55 -27.66 10.92
N GLY B 22 36.34 -27.66 11.49
CA GLY B 22 35.94 -28.72 12.40
C GLY B 22 34.76 -29.56 11.94
N GLY B 23 34.19 -29.21 10.81
CA GLY B 23 33.10 -29.98 10.26
C GLY B 23 31.80 -29.71 10.99
N CYS B 24 30.87 -30.66 10.84
CA CYS B 24 29.53 -30.53 11.38
C CYS B 24 29.41 -31.36 12.65
N VAL B 25 28.75 -30.79 13.65
CA VAL B 25 28.51 -31.47 14.93
C VAL B 25 27.01 -31.46 15.17
N GLN B 26 26.48 -32.63 15.52
CA GLN B 26 25.05 -32.76 15.74
C GLN B 26 24.63 -32.14 17.06
N GLN B 27 23.57 -31.34 17.01
CA GLN B 27 22.91 -30.71 18.14
C GLN B 27 21.68 -31.52 18.51
N ASN B 28 21.49 -31.70 19.81
CA ASN B 28 20.37 -32.47 20.36
C ASN B 28 19.16 -31.54 20.55
N THR B 29 18.68 -31.01 19.42
CA THR B 29 17.60 -30.04 19.42
C THR B 29 16.24 -30.70 19.28
N SER B 30 15.18 -29.94 19.58
CA SER B 30 13.83 -30.47 19.45
C SER B 30 12.92 -29.35 18.96
N VAL B 31 11.62 -29.60 19.00
CA VAL B 31 10.63 -28.78 18.32
C VAL B 31 9.42 -28.57 19.24
N VAL B 32 9.01 -27.31 19.40
CA VAL B 32 7.89 -26.96 20.27
C VAL B 32 6.81 -26.25 19.45
N LEU B 33 5.55 -26.64 19.65
CA LEU B 33 4.44 -25.95 18.99
C LEU B 33 4.22 -24.54 19.53
N GLU B 34 3.66 -23.69 18.66
CA GLU B 34 3.12 -22.40 19.04
C GLU B 34 2.28 -22.54 20.31
N TYR B 35 2.46 -21.59 21.21
CA TYR B 35 1.71 -21.53 22.46
C TYR B 35 0.21 -21.70 22.25
N LEU B 36 -0.39 -20.89 21.39
CA LEU B 36 -1.84 -20.97 21.17
C LEU B 36 -2.30 -22.29 20.57
N SER B 37 -1.38 -23.13 20.09
CA SER B 37 -1.74 -24.45 19.61
C SER B 37 -1.76 -25.49 20.71
N HIS B 38 -1.42 -25.13 21.95
CA HIS B 38 -1.61 -25.95 23.13
C HIS B 38 -2.99 -25.68 23.71
N PRO B 39 -3.52 -26.59 24.52
CA PRO B 39 -4.74 -26.27 25.27
C PRO B 39 -4.43 -25.21 26.32
N ILE B 40 -5.19 -24.11 26.30
CA ILE B 40 -5.12 -23.10 27.34
C ILE B 40 -6.53 -22.94 27.90
N HIS B 41 -6.74 -23.45 29.11
CA HIS B 41 -8.09 -23.58 29.62
C HIS B 41 -8.18 -23.01 31.02
N GLU B 42 -9.41 -22.84 31.48
CA GLU B 42 -9.64 -22.33 32.82
C GLU B 42 -9.14 -23.32 33.86
N VAL B 43 -8.46 -22.81 34.90
CA VAL B 43 -8.03 -23.65 36.02
C VAL B 43 -9.24 -24.39 36.58
N GLY B 44 -9.19 -25.73 36.56
CA GLY B 44 -10.24 -26.54 37.14
C GLY B 44 -11.44 -26.79 36.24
N ASN B 45 -11.46 -26.24 35.03
CA ASN B 45 -12.55 -26.48 34.11
C ASN B 45 -11.97 -26.51 32.70
N SER B 46 -11.52 -27.69 32.28
CA SER B 46 -10.79 -27.81 31.03
C SER B 46 -11.68 -27.63 29.81
N ASP B 47 -12.99 -27.53 29.95
CA ASP B 47 -13.84 -27.28 28.80
C ASP B 47 -13.98 -25.81 28.46
N VAL B 48 -13.51 -24.91 29.32
CA VAL B 48 -13.56 -23.46 29.07
C VAL B 48 -12.18 -23.03 28.59
N SER B 49 -12.13 -22.47 27.40
CA SER B 49 -10.87 -22.01 26.83
C SER B 49 -10.58 -20.57 27.24
N CYS B 50 -9.30 -20.27 27.49
CA CYS B 50 -8.88 -18.91 27.78
C CYS B 50 -8.66 -18.08 26.53
N VAL B 51 -8.49 -18.72 25.38
CA VAL B 51 -8.41 -18.03 24.11
C VAL B 51 -9.66 -18.40 23.32
N VAL B 52 -10.53 -17.42 23.12
CA VAL B 52 -11.80 -17.63 22.44
C VAL B 52 -11.72 -16.89 21.11
N SER B 53 -11.75 -17.65 20.01
CA SER B 53 -11.79 -17.08 18.67
C SER B 53 -10.62 -16.11 18.47
N GLY B 54 -9.40 -16.59 18.75
CA GLY B 54 -8.19 -15.83 18.56
C GLY B 54 -7.90 -14.76 19.60
N GLY B 55 -8.83 -14.47 20.52
CA GLY B 55 -8.67 -13.43 21.51
C GLY B 55 -8.80 -13.97 22.92
N LEU B 56 -8.63 -13.07 23.88
CA LEU B 56 -8.67 -13.46 25.29
C LEU B 56 -10.10 -13.54 25.78
N ASN B 57 -10.40 -14.61 26.50
CA ASN B 57 -11.62 -14.68 27.30
C ASN B 57 -11.62 -13.57 28.33
N GLN B 58 -12.40 -12.51 28.08
CA GLN B 58 -12.33 -11.32 28.93
C GLN B 58 -12.74 -11.61 30.37
N SER B 59 -13.71 -12.49 30.57
CA SER B 59 -14.10 -12.80 31.95
C SER B 59 -12.96 -13.44 32.74
N LEU B 60 -12.09 -14.21 32.07
CA LEU B 60 -11.01 -14.90 32.77
C LEU B 60 -9.70 -14.11 32.79
N CYS B 61 -9.42 -13.32 31.75
CA CYS B 61 -8.17 -12.58 31.65
C CYS B 61 -8.41 -11.08 31.50
N PRO B 62 -9.11 -10.44 32.45
CA PRO B 62 -9.27 -8.98 32.39
C PRO B 62 -7.97 -8.24 32.51
N ASN B 63 -6.92 -8.89 33.01
CA ASN B 63 -5.62 -8.31 33.29
C ASN B 63 -4.66 -9.47 33.53
N GLU B 64 -3.37 -9.15 33.65
CA GLU B 64 -2.37 -10.22 33.70
C GLU B 64 -2.41 -11.02 35.01
N GLU B 65 -2.73 -10.37 36.14
CA GLU B 65 -2.76 -11.07 37.42
C GLU B 65 -3.93 -12.07 37.49
N GLU B 66 -5.11 -11.64 37.02
CA GLU B 66 -6.25 -12.56 36.92
C GLU B 66 -5.98 -13.65 35.92
N CYS B 67 -5.46 -13.31 34.75
CA CYS B 67 -5.21 -14.34 33.76
C CYS B 67 -4.21 -15.35 34.30
N SER B 68 -3.29 -14.88 35.15
CA SER B 68 -2.28 -15.75 35.72
C SER B 68 -2.89 -16.76 36.67
N LYS B 69 -3.89 -16.35 37.44
CA LYS B 69 -4.52 -17.31 38.34
C LYS B 69 -5.64 -18.12 37.69
N ASN B 70 -6.19 -17.70 36.55
CA ASN B 70 -7.37 -18.35 35.99
C ASN B 70 -7.10 -19.31 34.85
N CYS B 71 -5.91 -19.26 34.23
CA CYS B 71 -5.65 -20.01 33.00
C CYS B 71 -4.46 -20.95 33.16
N VAL B 72 -4.47 -22.04 32.39
CA VAL B 72 -3.44 -23.06 32.43
C VAL B 72 -3.19 -23.54 31.02
N VAL B 73 -1.92 -23.64 30.64
CA VAL B 73 -1.53 -24.33 29.42
C VAL B 73 -1.26 -25.80 29.75
N GLU B 74 -1.67 -26.68 28.85
CA GLU B 74 -1.39 -28.11 28.92
C GLU B 74 -0.37 -28.49 27.85
N GLY B 75 0.21 -29.68 28.01
CA GLY B 75 0.98 -30.26 26.92
C GLY B 75 0.10 -30.50 25.70
N ALA B 76 0.73 -30.43 24.53
CA ALA B 76 0.04 -30.60 23.26
C ALA B 76 0.16 -32.04 22.76
N ASN B 77 -0.82 -32.48 21.97
CA ASN B 77 -0.70 -33.69 21.17
C ASN B 77 -0.12 -33.28 19.82
N TYR B 78 1.12 -33.68 19.55
CA TYR B 78 1.75 -33.14 18.35
C TYR B 78 1.25 -33.78 17.06
N THR B 79 0.91 -35.08 17.05
CA THR B 79 0.51 -35.71 15.80
C THR B 79 -0.82 -35.17 15.33
N SER B 80 -1.75 -34.97 16.27
CA SER B 80 -3.03 -34.37 15.92
C SER B 80 -2.89 -32.89 15.57
N SER B 81 -1.77 -32.27 15.87
CA SER B 81 -1.51 -30.91 15.40
C SER B 81 -0.75 -30.87 14.07
N GLY B 82 -0.47 -32.04 13.48
CA GLY B 82 0.15 -32.09 12.17
C GLY B 82 1.66 -32.12 12.18
N VAL B 83 2.29 -32.54 13.27
CA VAL B 83 3.73 -32.38 13.45
C VAL B 83 4.36 -33.76 13.65
N HIS B 84 5.28 -34.14 12.76
CA HIS B 84 6.01 -35.40 12.91
C HIS B 84 7.49 -35.16 12.69
N THR B 85 8.32 -35.92 13.41
CA THR B 85 9.75 -35.93 13.17
C THR B 85 10.22 -37.37 13.11
N ASP B 86 10.93 -37.70 12.03
CA ASP B 86 11.59 -38.98 11.84
C ASP B 86 13.05 -38.69 11.55
N GLY B 87 13.94 -39.07 12.46
CA GLY B 87 15.35 -38.78 12.27
C GLY B 87 15.56 -37.29 12.17
N ASP B 88 16.33 -36.87 11.16
CA ASP B 88 16.58 -35.45 10.94
C ASP B 88 15.47 -34.73 10.17
N ALA B 89 14.29 -35.37 9.99
CA ALA B 89 13.24 -34.84 9.14
C ALA B 89 12.02 -34.41 9.95
N LEU B 90 11.51 -33.22 9.63
CA LEU B 90 10.29 -32.63 10.17
C LEU B 90 9.27 -32.57 9.05
N THR B 91 8.12 -33.23 9.23
CA THR B 91 7.01 -33.02 8.33
C THR B 91 5.92 -32.25 9.06
N LEU B 92 5.38 -31.26 8.35
CA LEU B 92 4.23 -30.50 8.80
C LEU B 92 3.10 -30.78 7.82
N ASN B 93 1.95 -31.17 8.37
CA ASN B 93 0.73 -31.42 7.62
C ASN B 93 -0.22 -30.26 7.80
N GLN B 94 -0.79 -29.79 6.70
CA GLN B 94 -1.78 -28.72 6.80
C GLN B 94 -3.04 -29.21 7.49
N TYR B 95 -3.45 -30.46 7.24
CA TYR B 95 -4.72 -31.00 7.69
C TYR B 95 -4.48 -32.30 8.44
N VAL B 96 -5.42 -32.62 9.34
CA VAL B 96 -5.48 -33.91 10.03
C VAL B 96 -6.91 -34.42 9.92
N THR B 97 -7.11 -35.72 10.13
CA THR B 97 -8.43 -36.29 9.89
C THR B 97 -8.94 -37.01 11.13
N ASN B 98 -10.02 -36.50 11.71
CA ASN B 98 -10.90 -37.30 12.58
C ASN B 98 -11.48 -38.45 11.78
N GLY B 99 -10.63 -39.42 11.37
CA GLY B 99 -11.04 -40.49 10.48
C GLY B 99 -11.84 -40.03 9.28
N ASP B 100 -12.97 -39.37 9.55
CA ASP B 100 -13.91 -38.86 8.56
C ASP B 100 -13.78 -37.35 8.32
N GLN B 101 -13.55 -36.56 9.37
CA GLN B 101 -13.58 -35.11 9.27
C GLN B 101 -12.19 -34.51 9.05
N VAL B 102 -12.06 -33.64 8.05
CA VAL B 102 -10.80 -32.94 7.84
C VAL B 102 -10.75 -31.71 8.72
N VAL B 103 -9.64 -31.55 9.43
CA VAL B 103 -9.40 -30.49 10.42
C VAL B 103 -8.14 -29.73 10.04
N THR B 104 -8.19 -28.42 10.10
CA THR B 104 -7.05 -27.59 9.74
C THR B 104 -6.09 -27.55 10.92
N ALA B 105 -4.93 -28.18 10.75
CA ALA B 105 -3.89 -28.21 11.77
C ALA B 105 -2.96 -27.01 11.64
N SER B 106 -2.45 -26.77 10.43
CA SER B 106 -1.61 -25.63 10.08
C SER B 106 -0.59 -25.33 11.18
N PRO B 107 0.32 -26.26 11.48
CA PRO B 107 1.23 -26.07 12.62
C PRO B 107 2.30 -25.03 12.38
N ARG B 108 2.69 -24.40 13.49
CA ARG B 108 3.88 -23.56 13.53
C ARG B 108 4.71 -24.00 14.73
N VAL B 109 6.01 -24.10 14.51
CA VAL B 109 6.91 -24.84 15.39
C VAL B 109 8.26 -24.12 15.51
N TYR B 110 8.90 -24.23 16.69
CA TYR B 110 10.15 -23.51 16.94
C TYR B 110 11.23 -24.48 17.42
N LEU B 111 12.46 -24.19 17.01
CA LEU B 111 13.60 -25.04 17.39
C LEU B 111 14.05 -24.73 18.81
N LEU B 112 14.02 -25.74 19.68
CA LEU B 112 14.47 -25.67 21.07
C LEU B 112 15.88 -26.22 21.19
N ALA B 113 16.72 -25.48 21.92
CA ALA B 113 18.04 -25.96 22.27
C ALA B 113 17.98 -27.04 23.34
N SER B 114 17.06 -26.89 24.30
CA SER B 114 17.01 -27.75 25.47
C SER B 114 15.56 -28.09 25.81
N ASP B 115 15.36 -29.29 26.37
CA ASP B 115 14.05 -29.73 26.86
C ASP B 115 13.96 -29.68 28.38
N ASP B 116 14.90 -29.01 29.05
CA ASP B 116 14.82 -28.82 30.49
C ASP B 116 13.76 -27.78 30.82
N GLU B 117 13.37 -27.73 32.10
CA GLU B 117 12.24 -26.88 32.51
C GLU B 117 12.46 -25.42 32.13
N ASP B 118 13.70 -24.97 32.20
CA ASP B 118 14.05 -23.60 31.82
C ASP B 118 14.78 -23.53 30.48
N GLY B 119 14.69 -24.58 29.65
CA GLY B 119 15.39 -24.57 28.38
C GLY B 119 14.84 -23.51 27.44
N ASN B 120 15.74 -22.90 26.66
CA ASN B 120 15.40 -21.79 25.79
C ASN B 120 15.46 -22.20 24.32
N TYR B 121 14.99 -21.30 23.44
CA TYR B 121 15.10 -21.55 22.01
C TYR B 121 16.56 -21.54 21.56
N SER B 122 16.82 -22.26 20.47
CA SER B 122 18.10 -22.11 19.78
C SER B 122 18.17 -20.71 19.18
N MET B 123 19.23 -19.97 19.52
CA MET B 123 19.40 -18.62 19.00
C MET B 123 20.46 -18.69 17.90
N LEU B 124 20.00 -18.84 16.66
CA LEU B 124 20.91 -18.94 15.53
C LEU B 124 21.53 -17.58 15.22
N GLN B 125 22.85 -17.57 15.06
CA GLN B 125 23.61 -16.37 14.69
C GLN B 125 24.17 -16.58 13.28
N LEU B 126 23.57 -15.91 12.30
CA LEU B 126 23.86 -16.24 10.91
C LEU B 126 24.57 -15.13 10.16
N LEU B 127 24.83 -13.99 10.80
CA LEU B 127 25.65 -12.94 10.21
C LEU B 127 27.01 -13.48 9.81
N GLY B 128 27.33 -13.41 8.52
CA GLY B 128 28.58 -13.97 8.05
C GLY B 128 28.60 -15.48 8.08
N GLN B 129 27.43 -16.12 7.98
CA GLN B 129 27.28 -17.55 8.10
C GLN B 129 26.29 -17.99 7.04
N GLU B 130 26.02 -19.29 6.95
CA GLU B 130 25.04 -19.81 6.02
C GLU B 130 24.15 -20.82 6.73
N LEU B 131 22.94 -20.96 6.21
CA LEU B 131 22.02 -22.02 6.61
C LEU B 131 21.65 -22.84 5.38
N SER B 132 21.81 -24.17 5.49
CA SER B 132 21.34 -25.11 4.49
C SER B 132 20.25 -26.00 5.10
N PHE B 133 19.31 -26.41 4.25
CA PHE B 133 18.37 -27.46 4.63
C PHE B 133 17.93 -28.19 3.38
N ASP B 134 17.56 -29.47 3.54
CA ASP B 134 16.90 -30.22 2.47
C ASP B 134 15.40 -30.07 2.61
N VAL B 135 14.70 -29.96 1.49
CA VAL B 135 13.25 -29.80 1.54
C VAL B 135 12.61 -30.68 0.48
N ASP B 136 11.39 -31.13 0.79
CA ASP B 136 10.45 -31.75 -0.13
C ASP B 136 9.15 -30.95 -0.12
N VAL B 137 8.89 -30.27 -1.24
CA VAL B 137 7.74 -29.40 -1.46
C VAL B 137 6.78 -30.00 -2.46
N SER B 138 7.01 -31.26 -2.87
CA SER B 138 6.30 -31.83 -4.00
C SER B 138 4.83 -32.09 -3.73
N LYS B 139 4.40 -31.99 -2.48
CA LYS B 139 2.99 -32.10 -2.10
C LYS B 139 2.37 -30.74 -1.82
N LEU B 140 3.12 -29.65 -2.00
CA LEU B 140 2.62 -28.31 -1.73
C LEU B 140 2.05 -27.73 -3.04
N VAL B 141 0.73 -27.74 -3.16
CA VAL B 141 0.04 -27.27 -4.35
C VAL B 141 -0.09 -25.74 -4.32
N CYS B 142 -0.68 -25.17 -5.38
CA CYS B 142 -0.97 -23.74 -5.42
C CYS B 142 -1.72 -23.30 -4.17
N GLY B 143 -1.36 -22.13 -3.68
CA GLY B 143 -1.97 -21.60 -2.49
C GLY B 143 -1.32 -22.01 -1.19
N MET B 144 -0.42 -23.00 -1.21
CA MET B 144 0.23 -23.43 0.01
C MET B 144 1.54 -22.70 0.23
N ASN B 145 1.89 -22.56 1.49
CA ASN B 145 3.15 -21.96 1.91
C ASN B 145 3.75 -22.85 3.00
N GLY B 146 4.80 -23.59 2.66
CA GLY B 146 5.68 -24.18 3.65
C GLY B 146 6.86 -23.24 3.84
N ALA B 147 7.10 -22.86 5.11
CA ALA B 147 7.95 -21.75 5.48
C ALA B 147 9.00 -22.22 6.48
N LEU B 148 10.21 -21.70 6.29
CA LEU B 148 11.31 -21.84 7.22
C LEU B 148 11.91 -20.45 7.31
N TYR B 149 11.93 -19.89 8.52
CA TYR B 149 12.33 -18.50 8.65
C TYR B 149 12.81 -18.24 10.07
N LEU B 150 13.19 -17.00 10.34
CA LEU B 150 13.81 -16.61 11.58
C LEU B 150 13.09 -15.39 12.12
N SER B 151 12.84 -15.37 13.43
CA SER B 151 12.22 -14.24 14.10
C SER B 151 13.05 -13.85 15.30
N GLU B 152 13.15 -12.55 15.57
CA GLU B 152 13.96 -12.15 16.72
C GLU B 152 13.08 -12.15 17.99
N MET B 153 12.63 -13.35 18.33
CA MET B 153 11.95 -13.65 19.58
C MET B 153 12.93 -13.64 20.75
N ASP B 154 12.39 -13.53 21.96
CA ASP B 154 13.22 -13.69 23.15
C ASP B 154 13.57 -15.16 23.33
N ALA B 155 14.83 -15.43 23.67
CA ALA B 155 15.26 -16.83 23.74
C ALA B 155 14.46 -17.62 24.77
N SER B 156 13.93 -16.96 25.80
CA SER B 156 13.14 -17.63 26.83
C SER B 156 11.65 -17.68 26.48
N GLY B 157 11.25 -17.08 25.35
CA GLY B 157 9.85 -17.04 25.01
C GLY B 157 9.02 -16.13 25.88
N GLY B 158 9.65 -15.24 26.64
CA GLY B 158 8.88 -14.40 27.53
C GLY B 158 8.56 -15.03 28.86
N ARG B 159 9.30 -16.08 29.24
CA ARG B 159 9.13 -16.71 30.54
C ARG B 159 9.19 -15.68 31.66
N ASN B 160 8.18 -15.70 32.52
CA ASN B 160 8.10 -14.72 33.60
C ASN B 160 7.24 -15.34 34.69
N SER B 161 7.20 -14.70 35.85
CA SER B 161 6.59 -15.36 37.00
C SER B 161 5.07 -15.41 36.92
N LEU B 162 4.42 -14.51 36.18
CA LEU B 162 2.97 -14.61 36.01
C LEU B 162 2.59 -15.62 34.92
N ASN B 163 3.46 -15.86 33.93
CA ASN B 163 3.23 -16.84 32.89
C ASN B 163 4.53 -17.58 32.62
N PRO B 164 4.82 -18.64 33.37
CA PRO B 164 6.12 -19.32 33.26
C PRO B 164 6.21 -20.34 32.14
N ALA B 165 5.26 -20.35 31.21
CA ALA B 165 5.30 -21.31 30.12
C ALA B 165 6.60 -21.18 29.32
N GLY B 166 6.86 -20.00 28.76
CA GLY B 166 8.10 -19.73 28.04
C GLY B 166 8.30 -20.61 26.81
N ALA B 167 9.59 -20.83 26.51
CA ALA B 167 9.95 -21.55 25.29
C ALA B 167 9.49 -23.00 25.32
N GLN B 168 9.43 -23.61 26.51
CA GLN B 168 8.99 -25.00 26.59
C GLN B 168 7.54 -25.19 26.15
N TYR B 169 6.76 -24.10 26.05
CA TYR B 169 5.38 -24.19 25.56
C TYR B 169 5.15 -23.28 24.36
N GLY B 170 6.22 -22.89 23.68
CA GLY B 170 6.12 -22.17 22.43
C GLY B 170 5.68 -20.74 22.60
N SER B 171 6.05 -20.11 23.70
CA SER B 171 5.61 -18.75 23.98
C SER B 171 6.51 -17.72 23.28
N GLY B 172 6.00 -16.49 23.17
CA GLY B 172 6.81 -15.36 22.77
C GLY B 172 6.95 -15.09 21.27
N TYR B 173 6.11 -15.69 20.42
CA TYR B 173 6.25 -15.48 18.98
C TYR B 173 6.08 -14.00 18.63
N CYS B 174 6.82 -13.58 17.61
CA CYS B 174 6.62 -12.32 16.93
C CYS B 174 7.09 -12.47 15.49
N ASP B 175 6.76 -11.50 14.64
CA ASP B 175 7.36 -11.42 13.31
C ASP B 175 7.12 -10.02 12.77
N ALA B 176 7.47 -9.80 11.51
CA ALA B 176 7.39 -8.44 10.98
C ALA B 176 5.98 -8.03 10.61
N GLN B 177 5.00 -8.91 10.74
CA GLN B 177 3.63 -8.52 10.43
C GLN B 177 2.92 -7.86 11.61
N CYS B 178 3.55 -7.82 12.79
CA CYS B 178 3.00 -7.10 13.94
C CYS B 178 1.59 -7.56 14.26
N GLY B 179 1.40 -8.88 14.28
CA GLY B 179 0.07 -9.44 14.45
C GLY B 179 -0.47 -9.20 15.85
N VAL B 180 -1.77 -8.85 15.90
CA VAL B 180 -2.46 -8.77 17.18
C VAL B 180 -2.70 -10.18 17.69
N GLN B 181 -2.33 -10.44 18.93
CA GLN B 181 -2.36 -11.78 19.47
C GLN B 181 -2.55 -11.68 20.97
N PRO B 182 -3.12 -12.71 21.62
CA PRO B 182 -3.56 -12.51 23.01
C PRO B 182 -2.43 -12.44 24.00
N PHE B 183 -1.29 -13.05 23.72
CA PHE B 183 -0.15 -12.89 24.59
C PHE B 183 1.00 -12.34 23.76
N ILE B 184 1.72 -11.35 24.30
CA ILE B 184 2.92 -10.81 23.66
C ILE B 184 4.10 -10.97 24.62
N ASN B 185 5.11 -11.71 24.18
CA ASN B 185 6.29 -11.98 25.00
C ASN B 185 5.86 -12.47 26.38
N GLY B 186 4.95 -13.43 26.40
CA GLY B 186 4.52 -14.04 27.66
C GLY B 186 3.73 -13.12 28.56
N THR B 187 3.13 -12.06 28.00
CA THR B 187 2.36 -11.06 28.72
C THR B 187 0.98 -10.89 28.09
N VAL B 188 -0.04 -10.78 28.95
CA VAL B 188 -1.41 -10.60 28.49
C VAL B 188 -1.56 -9.30 27.72
N ASN B 189 -2.14 -9.38 26.53
CA ASN B 189 -2.49 -8.24 25.68
C ASN B 189 -4.00 -8.02 25.81
N THR B 190 -4.42 -7.18 26.77
CA THR B 190 -5.87 -7.04 26.83
C THR B 190 -6.44 -6.18 25.71
N GLY B 191 -5.61 -5.48 24.91
CA GLY B 191 -6.19 -4.69 23.85
C GLY B 191 -5.38 -4.25 22.64
N SER B 192 -5.41 -5.03 21.57
CA SER B 192 -5.04 -4.60 20.21
C SER B 192 -3.57 -4.27 19.99
N LEU B 193 -2.67 -4.58 20.92
CA LEU B 193 -1.25 -4.45 20.61
C LEU B 193 -0.85 -5.56 19.63
N GLY B 194 0.16 -5.29 18.81
CA GLY B 194 0.69 -6.28 17.89
C GLY B 194 2.09 -6.72 18.29
N ALA B 195 2.46 -7.95 17.90
CA ALA B 195 3.73 -8.58 18.30
C ALA B 195 4.77 -8.50 17.16
N CYS B 196 5.69 -7.53 17.25
CA CYS B 196 6.60 -7.13 16.18
C CYS B 196 8.02 -7.59 16.47
N CYS B 197 8.73 -8.07 15.44
CA CYS B 197 10.18 -8.18 15.51
C CYS B 197 10.75 -8.40 14.11
N ASN B 198 12.03 -8.03 13.98
CA ASN B 198 12.85 -8.38 12.81
C ASN B 198 12.58 -9.81 12.38
N GLU B 199 12.44 -10.01 11.06
CA GLU B 199 12.08 -11.32 10.54
C GLU B 199 12.87 -11.59 9.25
N MET B 200 13.41 -12.79 9.12
CA MET B 200 14.19 -13.17 7.93
C MET B 200 13.54 -14.42 7.31
N ASP B 201 12.75 -14.25 6.25
CA ASP B 201 12.04 -15.38 5.66
C ASP B 201 12.98 -16.02 4.65
N ILE B 202 13.76 -16.99 5.13
CA ILE B 202 14.65 -17.74 4.25
C ILE B 202 13.86 -18.46 3.17
N TRP B 203 12.75 -19.09 3.54
CA TRP B 203 12.03 -19.95 2.62
C TRP B 203 10.53 -19.80 2.85
N GLU B 204 9.83 -19.29 1.84
CA GLU B 204 8.37 -19.40 1.74
C GLU B 204 8.04 -19.98 0.38
N ALA B 205 7.46 -21.19 0.34
CA ALA B 205 7.42 -21.84 -0.97
C ALA B 205 6.35 -22.93 -1.06
N ASN B 206 6.03 -23.27 -2.30
CA ASN B 206 5.29 -24.47 -2.63
C ASN B 206 5.99 -25.07 -3.85
N ALA B 207 5.38 -26.08 -4.49
CA ALA B 207 6.05 -26.68 -5.64
C ALA B 207 6.07 -25.79 -6.88
N LEU B 208 5.40 -24.62 -6.86
CA LEU B 208 5.28 -23.78 -8.04
C LEU B 208 6.07 -22.47 -7.95
N ALA B 209 6.42 -22.00 -6.75
CA ALA B 209 7.13 -20.75 -6.61
C ALA B 209 7.74 -20.67 -5.22
N THR B 210 8.79 -19.84 -5.11
CA THR B 210 9.56 -19.65 -3.89
C THR B 210 9.92 -18.18 -3.72
N ALA B 211 10.09 -17.75 -2.46
CA ALA B 211 10.47 -16.37 -2.17
C ALA B 211 11.40 -16.31 -0.97
N LEU B 212 12.38 -15.40 -1.04
CA LEU B 212 13.33 -15.08 0.02
C LEU B 212 13.11 -13.63 0.43
N THR B 213 12.72 -13.39 1.69
CA THR B 213 12.28 -12.03 2.02
C THR B 213 12.83 -11.54 3.36
N PRO B 214 13.79 -10.62 3.39
CA PRO B 214 14.10 -9.93 4.64
C PRO B 214 13.04 -8.89 4.98
N HIS B 215 12.71 -8.82 6.27
CA HIS B 215 11.73 -7.91 6.86
C HIS B 215 12.37 -7.19 8.03
N PRO B 216 12.99 -6.03 7.81
CA PRO B 216 13.55 -5.25 8.91
C PRO B 216 12.48 -4.52 9.73
N CYS B 217 12.82 -4.26 10.99
CA CYS B 217 12.04 -3.43 11.90
C CYS B 217 12.96 -2.45 12.62
N SER B 218 12.43 -1.28 12.95
CA SER B 218 13.20 -0.27 13.66
C SER B 218 13.37 -0.57 15.14
N VAL B 219 12.91 -1.72 15.63
CA VAL B 219 13.08 -2.10 17.03
C VAL B 219 14.06 -3.26 17.07
N THR B 220 14.47 -3.64 18.28
CA THR B 220 15.32 -4.81 18.48
C THR B 220 14.64 -5.80 19.42
N SER B 221 14.65 -7.06 19.03
CA SER B 221 13.91 -8.12 19.70
C SER B 221 12.43 -7.75 19.69
N ILE B 222 11.64 -8.35 20.59
CA ILE B 222 10.20 -8.32 20.48
C ILE B 222 9.64 -7.00 21.00
N TYR B 223 8.69 -6.45 20.27
CA TYR B 223 8.14 -5.14 20.57
C TYR B 223 6.61 -5.17 20.42
N ALA B 224 5.89 -4.65 21.41
CA ALA B 224 4.44 -4.57 21.34
C ALA B 224 4.06 -3.23 20.73
N CYS B 225 3.59 -3.26 19.50
CA CYS B 225 3.23 -2.05 18.78
C CYS B 225 1.80 -1.65 19.10
N SER B 226 1.55 -0.36 18.96
CA SER B 226 0.26 0.25 19.23
C SER B 226 -0.12 1.13 18.04
N GLY B 227 -1.32 0.93 17.50
CA GLY B 227 -1.85 1.90 16.54
C GLY B 227 -1.07 1.96 15.23
N ALA B 228 -0.73 3.18 14.78
CA ALA B 228 0.01 3.34 13.53
C ALA B 228 1.38 2.67 13.55
N GLU B 229 1.95 2.38 14.73
CA GLU B 229 3.19 1.62 14.81
C GLU B 229 3.04 0.23 14.18
N CYS B 230 1.82 -0.33 14.22
CA CYS B 230 1.54 -1.66 13.68
C CYS B 230 1.18 -1.62 12.21
N GLY B 231 1.19 -0.46 11.58
CA GLY B 231 0.73 -0.33 10.22
C GLY B 231 1.77 -0.72 9.20
N SER B 232 1.40 -0.51 7.94
CA SER B 232 2.22 -0.96 6.82
C SER B 232 3.61 -0.35 6.89
N ASN B 233 3.67 0.98 7.06
CA ASN B 233 4.92 1.70 7.29
C ASN B 233 4.86 2.22 8.73
N GLY B 234 5.27 1.35 9.65
CA GLY B 234 5.34 1.61 11.07
C GLY B 234 6.67 1.11 11.57
N VAL B 235 6.72 0.38 12.69
CA VAL B 235 8.01 -0.05 13.18
C VAL B 235 8.57 -1.18 12.34
N CYS B 236 7.74 -1.91 11.61
CA CYS B 236 8.21 -3.00 10.79
C CYS B 236 7.86 -2.80 9.32
N ASP B 237 8.65 -3.48 8.49
CA ASP B 237 8.50 -3.54 7.04
C ASP B 237 7.66 -4.75 6.69
N LYS B 238 6.34 -4.56 6.52
CA LYS B 238 5.47 -5.70 6.27
C LYS B 238 5.71 -6.33 4.90
N PRO B 239 5.76 -5.58 3.80
CA PRO B 239 5.96 -6.26 2.50
C PRO B 239 7.29 -6.98 2.41
N GLY B 240 8.36 -6.35 2.87
CA GLY B 240 9.68 -6.95 2.83
C GLY B 240 10.29 -6.89 1.45
N CYS B 241 11.55 -7.33 1.38
CA CYS B 241 12.31 -7.26 0.14
C CYS B 241 12.32 -8.64 -0.53
N GLY B 242 11.27 -8.91 -1.32
CA GLY B 242 11.04 -10.25 -1.85
C GLY B 242 11.84 -10.66 -3.08
N TYR B 243 12.58 -11.75 -2.98
CA TYR B 243 13.36 -12.31 -4.07
C TYR B 243 12.64 -13.58 -4.55
N ASN B 244 12.05 -13.51 -5.73
CA ASN B 244 11.33 -14.63 -6.33
C ASN B 244 11.86 -14.83 -7.76
N PRO B 245 12.51 -15.96 -8.06
CA PRO B 245 13.14 -16.10 -9.39
C PRO B 245 12.16 -16.09 -10.56
N TYR B 246 10.92 -16.52 -10.34
CA TYR B 246 9.90 -16.41 -11.38
C TYR B 246 9.59 -14.95 -11.68
N ALA B 247 9.30 -14.18 -10.63
CA ALA B 247 8.94 -12.78 -10.79
C ALA B 247 10.08 -11.97 -11.40
N LEU B 248 11.32 -12.30 -11.05
CA LEU B 248 12.50 -11.57 -11.50
C LEU B 248 12.98 -12.00 -12.87
N GLY B 249 12.26 -12.88 -13.56
CA GLY B 249 12.48 -12.98 -14.99
C GLY B 249 12.82 -14.35 -15.57
N ASP B 250 12.71 -15.42 -14.79
CA ASP B 250 12.99 -16.77 -15.28
C ASP B 250 11.84 -17.67 -14.85
N HIS B 251 10.89 -17.89 -15.77
CA HIS B 251 9.75 -18.74 -15.46
C HIS B 251 10.10 -20.21 -15.54
N ASN B 252 11.37 -20.56 -15.77
CA ASN B 252 11.75 -21.96 -15.94
C ASN B 252 12.85 -22.38 -14.97
N TYR B 253 13.08 -21.59 -13.93
CA TYR B 253 14.15 -21.86 -12.98
C TYR B 253 13.67 -22.82 -11.90
N TYR B 254 12.53 -22.51 -11.28
CA TYR B 254 12.03 -23.33 -10.18
C TYR B 254 10.57 -23.68 -10.36
N GLY B 255 10.29 -24.99 -10.30
CA GLY B 255 8.99 -25.55 -10.49
C GLY B 255 9.12 -27.02 -10.86
N PRO B 256 8.00 -27.66 -11.16
CA PRO B 256 8.03 -29.10 -11.50
C PRO B 256 8.79 -29.34 -12.79
N GLY B 257 9.88 -30.11 -12.68
CA GLY B 257 10.72 -30.42 -13.84
C GLY B 257 11.57 -29.27 -14.35
N LYS B 258 11.78 -28.23 -13.54
CA LYS B 258 12.58 -27.09 -13.94
C LYS B 258 14.03 -27.29 -13.48
N THR B 259 14.84 -26.23 -13.58
CA THR B 259 16.26 -26.30 -13.18
C THR B 259 16.39 -26.83 -11.76
N VAL B 260 15.63 -26.24 -10.82
CA VAL B 260 15.37 -26.86 -9.53
C VAL B 260 14.06 -27.60 -9.67
N ASP B 261 14.11 -28.93 -9.66
CA ASP B 261 12.95 -29.77 -9.94
C ASP B 261 12.17 -30.02 -8.66
N THR B 262 11.02 -29.36 -8.51
CA THR B 262 10.29 -29.48 -7.25
C THR B 262 9.55 -30.81 -7.11
N SER B 263 9.60 -31.70 -8.12
CA SER B 263 9.08 -33.06 -8.00
C SER B 263 9.85 -33.91 -7.00
N ARG B 264 11.08 -33.56 -6.71
CA ARG B 264 12.03 -34.32 -5.92
C ARG B 264 12.63 -33.41 -4.87
N PRO B 265 13.23 -33.96 -3.83
CA PRO B 265 13.85 -33.12 -2.80
C PRO B 265 15.05 -32.36 -3.34
N PHE B 266 15.45 -31.33 -2.61
CA PHE B 266 16.65 -30.59 -2.98
C PHE B 266 17.15 -29.82 -1.77
N THR B 267 18.41 -29.37 -1.86
CA THR B 267 19.02 -28.58 -0.80
C THR B 267 18.92 -27.10 -1.13
N VAL B 268 18.60 -26.31 -0.09
CA VAL B 268 18.48 -24.86 -0.16
C VAL B 268 19.58 -24.27 0.74
N VAL B 269 20.48 -23.51 0.13
CA VAL B 269 21.60 -22.87 0.78
C VAL B 269 21.36 -21.36 0.76
N THR B 270 21.50 -20.72 1.91
CA THR B 270 21.31 -19.28 2.03
C THR B 270 22.51 -18.72 2.79
N GLN B 271 23.25 -17.83 2.14
CA GLN B 271 24.51 -17.30 2.64
C GLN B 271 24.34 -15.83 2.96
N PHE B 272 24.72 -15.42 4.18
CA PHE B 272 24.56 -14.03 4.58
C PHE B 272 25.94 -13.39 4.60
N LEU B 273 26.31 -12.78 3.47
CA LEU B 273 27.67 -12.33 3.20
C LEU B 273 27.88 -10.89 3.66
N THR B 274 28.98 -10.67 4.38
CA THR B 274 29.34 -9.39 4.98
C THR B 274 30.46 -8.70 4.22
N ASN B 275 30.55 -7.37 4.39
CA ASN B 275 31.55 -6.57 3.69
C ASN B 275 32.95 -7.10 3.94
N ASP B 276 33.36 -7.19 5.22
CA ASP B 276 34.71 -7.62 5.57
C ASP B 276 34.82 -9.13 5.75
N ASN B 277 33.76 -9.86 5.41
CA ASN B 277 33.83 -11.30 5.28
C ASN B 277 34.13 -11.99 6.62
N THR B 278 33.64 -11.39 7.72
CA THR B 278 33.70 -11.92 9.08
C THR B 278 32.29 -12.04 9.66
N THR B 279 32.18 -12.64 10.84
CA THR B 279 30.86 -12.75 11.46
C THR B 279 30.48 -11.50 12.23
N THR B 280 31.29 -10.45 12.16
CA THR B 280 30.98 -9.19 12.82
C THR B 280 30.97 -8.01 11.86
N GLY B 281 31.12 -8.25 10.56
CA GLY B 281 31.00 -7.21 9.57
C GLY B 281 29.56 -6.82 9.30
N THR B 282 29.38 -6.12 8.18
CA THR B 282 28.09 -5.58 7.78
C THR B 282 27.51 -6.44 6.68
N LEU B 283 26.32 -7.01 6.91
CA LEU B 283 25.63 -7.76 5.88
C LEU B 283 25.43 -6.90 4.65
N THR B 284 25.92 -7.37 3.52
CA THR B 284 25.77 -6.64 2.27
C THR B 284 25.13 -7.46 1.17
N GLU B 285 25.14 -8.78 1.27
CA GLU B 285 24.51 -9.60 0.23
C GLU B 285 23.90 -10.82 0.88
N ILE B 286 22.74 -11.25 0.37
CA ILE B 286 22.15 -12.55 0.71
C ILE B 286 22.11 -13.38 -0.57
N ARG B 287 22.71 -14.56 -0.54
CA ARG B 287 22.94 -15.34 -1.74
C ARG B 287 22.26 -16.70 -1.58
N ARG B 288 21.69 -17.19 -2.69
CA ARG B 288 20.90 -18.42 -2.70
C ARG B 288 21.49 -19.43 -3.68
N LEU B 289 21.79 -20.63 -3.18
CA LEU B 289 22.23 -21.74 -4.01
C LEU B 289 21.30 -22.92 -3.75
N TYR B 290 21.05 -23.72 -4.78
CA TYR B 290 20.35 -24.99 -4.60
C TYR B 290 21.32 -26.13 -4.91
N VAL B 291 21.03 -27.31 -4.37
CA VAL B 291 21.80 -28.50 -4.69
C VAL B 291 20.81 -29.61 -5.03
N GLN B 292 20.96 -30.19 -6.22
CA GLN B 292 20.09 -31.27 -6.61
C GLN B 292 20.87 -32.16 -7.57
N ASP B 293 20.69 -33.47 -7.45
CA ASP B 293 21.42 -34.43 -8.29
C ASP B 293 22.93 -34.24 -8.10
N GLY B 294 23.35 -33.89 -6.88
CA GLY B 294 24.75 -33.60 -6.63
C GLY B 294 25.32 -32.46 -7.44
N ASN B 295 24.48 -31.55 -7.93
CA ASN B 295 24.92 -30.40 -8.70
C ASN B 295 24.50 -29.13 -7.97
N VAL B 296 25.47 -28.22 -7.82
CA VAL B 296 25.20 -26.89 -7.27
C VAL B 296 24.60 -26.04 -8.37
N ILE B 297 23.46 -25.42 -8.07
CA ILE B 297 22.70 -24.58 -8.97
C ILE B 297 22.77 -23.17 -8.40
N GLY B 298 23.36 -22.26 -9.15
CA GLY B 298 23.45 -20.90 -8.71
C GLY B 298 22.30 -20.07 -9.24
N PRO B 299 22.38 -18.76 -9.02
CA PRO B 299 21.30 -17.87 -9.47
C PRO B 299 21.08 -17.93 -10.97
N SER B 300 19.83 -17.83 -11.39
CA SER B 300 19.54 -17.81 -12.81
C SER B 300 20.17 -16.59 -13.46
N PRO B 301 20.90 -16.76 -14.58
CA PRO B 301 21.38 -15.58 -15.31
C PRO B 301 20.27 -14.81 -16.02
N SER B 302 19.08 -15.40 -16.15
CA SER B 302 17.95 -14.67 -16.73
C SER B 302 17.28 -13.72 -15.74
N ASP B 303 17.42 -13.97 -14.43
CA ASP B 303 16.87 -13.03 -13.45
C ASP B 303 17.53 -11.67 -13.54
N SER B 304 16.75 -10.64 -13.20
CA SER B 304 17.27 -9.27 -13.24
C SER B 304 18.47 -9.10 -12.32
N VAL B 305 18.49 -9.77 -11.18
CA VAL B 305 19.62 -9.73 -10.27
C VAL B 305 19.85 -11.14 -9.75
N SER B 306 21.08 -11.40 -9.33
CA SER B 306 21.49 -12.73 -8.89
C SER B 306 21.50 -12.89 -7.39
N SER B 307 21.12 -11.88 -6.62
CA SER B 307 21.14 -11.96 -5.16
C SER B 307 20.42 -10.73 -4.62
N ILE B 308 20.24 -10.72 -3.30
CA ILE B 308 19.65 -9.59 -2.60
C ILE B 308 20.76 -8.66 -2.11
N THR B 309 20.67 -7.39 -2.49
CA THR B 309 21.48 -6.31 -1.93
C THR B 309 20.54 -5.15 -1.58
N ASP B 310 21.09 -4.09 -0.99
CA ASP B 310 20.23 -2.94 -0.67
C ASP B 310 19.68 -2.28 -1.94
N SER B 311 20.51 -2.21 -2.99
CA SER B 311 20.10 -1.63 -4.27
C SER B 311 18.78 -2.21 -4.75
N PHE B 312 18.74 -3.54 -4.89
CA PHE B 312 17.52 -4.14 -5.37
C PHE B 312 16.39 -4.00 -4.36
N CYS B 313 16.69 -4.13 -3.07
CA CYS B 313 15.60 -4.04 -2.09
C CYS B 313 14.91 -2.69 -2.19
N SER B 314 15.67 -1.62 -2.37
CA SER B 314 15.02 -0.34 -2.56
C SER B 314 14.23 -0.30 -3.86
N THR B 315 14.63 -1.07 -4.88
CA THR B 315 13.75 -1.11 -6.06
C THR B 315 12.42 -1.81 -5.78
N VAL B 316 12.38 -2.86 -4.95
CA VAL B 316 11.11 -3.56 -4.71
C VAL B 316 10.40 -3.13 -3.44
N ASP B 317 11.05 -2.37 -2.56
CA ASP B 317 10.55 -2.13 -1.20
C ASP B 317 11.05 -0.77 -0.73
N SER B 318 10.16 0.21 -0.75
CA SER B 318 10.55 1.58 -0.51
C SER B 318 10.77 1.88 0.96
N TYR B 319 10.55 0.92 1.84
CA TYR B 319 10.65 1.14 3.27
C TYR B 319 11.73 0.28 3.89
N PHE B 320 12.37 -0.55 3.08
CA PHE B 320 13.42 -1.45 3.54
C PHE B 320 14.59 -0.68 4.15
N GLU B 321 15.05 0.34 3.46
CA GLU B 321 16.25 1.03 3.92
C GLU B 321 16.00 2.04 5.04
N PRO B 322 14.89 2.77 5.07
CA PRO B 322 14.61 3.60 6.25
C PRO B 322 14.52 2.81 7.54
N LEU B 323 14.25 1.51 7.48
CA LEU B 323 14.26 0.72 8.69
C LEU B 323 15.59 0.04 8.92
N GLY B 324 16.61 0.41 8.15
CA GLY B 324 17.97 -0.04 8.39
C GLY B 324 18.52 -0.99 7.35
N GLY B 325 17.68 -1.48 6.44
CA GLY B 325 18.20 -2.27 5.35
C GLY B 325 18.91 -3.55 5.78
N LEU B 326 19.85 -3.96 4.94
CA LEU B 326 20.58 -5.20 5.21
C LEU B 326 21.50 -5.06 6.42
N LYS B 327 21.97 -3.85 6.70
CA LYS B 327 22.85 -3.67 7.86
C LYS B 327 22.16 -4.08 9.15
N GLU B 328 20.95 -3.58 9.37
CA GLU B 328 20.29 -3.91 10.62
C GLU B 328 19.63 -5.28 10.58
N MET B 329 19.21 -5.76 9.40
CA MET B 329 18.87 -7.18 9.31
C MET B 329 20.03 -8.05 9.79
N GLY B 330 21.25 -7.74 9.35
CA GLY B 330 22.40 -8.49 9.77
C GLY B 330 22.73 -8.31 11.24
N GLU B 331 22.46 -7.14 11.79
CA GLU B 331 22.65 -6.96 13.23
C GLU B 331 21.69 -7.86 14.01
N ALA B 332 20.46 -8.02 13.50
CA ALA B 332 19.53 -8.96 14.13
C ALA B 332 20.02 -10.39 14.01
N LEU B 333 20.47 -10.79 12.82
CA LEU B 333 21.05 -12.13 12.66
C LEU B 333 22.27 -12.34 13.55
N GLY B 334 23.04 -11.29 13.82
CA GLY B 334 24.20 -11.42 14.67
C GLY B 334 23.84 -11.55 16.14
N ARG B 335 22.80 -10.82 16.59
CA ARG B 335 22.31 -10.96 17.96
C ARG B 335 21.80 -12.38 18.24
N GLY B 336 21.14 -13.00 17.26
CA GLY B 336 20.55 -14.34 17.37
C GLY B 336 19.04 -14.33 17.17
N MET B 337 18.56 -15.27 16.34
CA MET B 337 17.15 -15.36 16.03
C MET B 337 16.64 -16.79 16.16
N VAL B 338 15.36 -16.90 16.52
CA VAL B 338 14.68 -18.18 16.67
C VAL B 338 14.29 -18.73 15.30
N LEU B 339 14.53 -20.04 15.12
CA LEU B 339 14.18 -20.73 13.88
C LEU B 339 12.75 -21.28 13.95
N VAL B 340 11.96 -20.93 12.94
CA VAL B 340 10.53 -21.17 12.86
C VAL B 340 10.26 -22.00 11.61
N PHE B 341 9.39 -23.00 11.74
CA PHE B 341 8.90 -23.84 10.65
C PHE B 341 7.37 -23.78 10.65
N SER B 342 6.76 -23.60 9.48
CA SER B 342 5.29 -23.63 9.48
C SER B 342 4.76 -24.02 8.12
N ILE B 343 3.51 -24.44 8.10
CA ILE B 343 2.75 -24.65 6.88
C ILE B 343 1.42 -23.93 7.07
N TRP B 344 0.92 -23.33 5.99
CA TRP B 344 -0.36 -22.61 6.09
C TRP B 344 -0.87 -22.33 4.69
N ASN B 345 -2.15 -21.92 4.63
CA ASN B 345 -2.73 -21.33 3.43
C ASN B 345 -3.56 -20.12 3.86
N ASP B 346 -4.27 -19.53 2.90
CA ASP B 346 -4.62 -18.12 2.94
C ASP B 346 -6.03 -17.91 2.42
N PRO B 347 -7.03 -17.87 3.32
CA PRO B 347 -8.42 -17.68 2.86
C PRO B 347 -8.69 -16.32 2.26
N GLY B 348 -7.80 -15.35 2.46
CA GLY B 348 -8.07 -14.01 1.98
C GLY B 348 -7.57 -13.74 0.59
N GLN B 349 -6.35 -14.18 0.28
CA GLN B 349 -5.84 -13.90 -1.05
C GLN B 349 -5.01 -15.02 -1.63
N PHE B 350 -5.07 -16.22 -1.05
CA PHE B 350 -4.76 -17.47 -1.73
C PHE B 350 -3.27 -17.65 -2.00
N MET B 351 -2.41 -16.91 -1.31
CA MET B 351 -0.98 -16.80 -1.62
C MET B 351 -0.74 -16.30 -3.04
N ASN B 352 -1.69 -15.54 -3.60
CA ASN B 352 -1.45 -15.09 -4.96
C ASN B 352 -0.18 -14.24 -5.06
N TRP B 353 0.28 -13.65 -3.95
CA TRP B 353 1.53 -12.89 -3.97
C TRP B 353 2.75 -13.77 -4.13
N LEU B 354 2.63 -15.07 -3.87
CA LEU B 354 3.76 -15.99 -3.94
C LEU B 354 3.83 -16.76 -5.25
N ASP B 355 2.69 -17.22 -5.78
CA ASP B 355 2.72 -18.22 -6.84
C ASP B 355 1.78 -17.90 -8.00
N SER B 356 1.20 -16.71 -8.03
CA SER B 356 0.24 -16.35 -9.06
C SER B 356 0.61 -14.98 -9.60
N GLY B 357 0.02 -14.62 -10.73
CA GLY B 357 0.33 -13.31 -11.31
C GLY B 357 1.76 -13.26 -11.82
N ASN B 358 2.44 -12.15 -11.52
CA ASN B 358 3.87 -12.02 -11.84
C ASN B 358 4.69 -13.08 -11.12
N ALA B 359 4.18 -13.57 -9.98
CA ALA B 359 4.99 -14.32 -9.03
C ALA B 359 5.08 -15.80 -9.34
N GLY B 360 4.19 -16.32 -10.19
CA GLY B 360 4.13 -17.75 -10.40
C GLY B 360 3.06 -18.19 -11.38
N PRO B 361 3.03 -19.49 -11.68
CA PRO B 361 2.16 -20.01 -12.74
C PRO B 361 0.73 -20.34 -12.32
N CYS B 362 0.40 -20.28 -11.04
CA CYS B 362 -0.95 -20.55 -10.57
C CYS B 362 -1.90 -19.47 -11.05
N ASN B 363 -3.14 -19.87 -11.36
CA ASN B 363 -4.16 -18.87 -11.67
C ASN B 363 -4.66 -18.28 -10.36
N SER B 364 -5.63 -17.37 -10.43
CA SER B 364 -5.94 -16.55 -9.27
C SER B 364 -6.95 -17.17 -8.32
N THR B 365 -7.64 -18.25 -8.71
CA THR B 365 -8.62 -18.89 -7.84
C THR B 365 -8.18 -20.26 -7.38
N GLU B 366 -7.12 -20.79 -7.99
CA GLU B 366 -6.73 -22.18 -7.77
C GLU B 366 -6.32 -22.45 -6.32
N GLY B 367 -5.72 -21.46 -5.64
CA GLY B 367 -5.21 -21.65 -4.29
C GLY B 367 -6.20 -21.33 -3.18
N ASN B 368 -7.48 -21.40 -3.51
CA ASN B 368 -8.53 -21.28 -2.49
C ASN B 368 -8.37 -22.41 -1.47
N PRO B 369 -8.29 -22.09 -0.17
CA PRO B 369 -8.22 -23.17 0.83
C PRO B 369 -9.39 -24.14 0.80
N ALA B 370 -10.56 -23.70 0.33
CA ALA B 370 -11.67 -24.65 0.14
C ALA B 370 -11.29 -25.73 -0.86
N THR B 371 -10.68 -25.34 -1.99
CA THR B 371 -10.36 -26.39 -2.96
C THR B 371 -9.14 -27.19 -2.53
N ILE B 372 -8.22 -26.57 -1.79
CA ILE B 372 -7.05 -27.32 -1.30
C ILE B 372 -7.50 -28.40 -0.33
N GLU B 373 -8.41 -28.05 0.60
CA GLU B 373 -8.92 -29.04 1.53
C GLU B 373 -9.74 -30.12 0.83
N ALA B 374 -10.55 -29.75 -0.17
CA ALA B 374 -11.36 -30.75 -0.87
C ALA B 374 -10.50 -31.69 -1.70
N GLN B 375 -9.38 -31.21 -2.24
CA GLN B 375 -8.65 -31.96 -3.24
C GLN B 375 -7.25 -32.38 -2.85
N HIS B 376 -6.61 -31.73 -1.89
CA HIS B 376 -5.26 -32.10 -1.48
C HIS B 376 -5.12 -32.09 0.03
N PRO B 377 -5.98 -32.86 0.74
CA PRO B 377 -5.95 -32.78 2.21
C PRO B 377 -4.69 -33.37 2.81
N ASP B 378 -3.93 -34.13 2.03
CA ASP B 378 -2.63 -34.67 2.40
C ASP B 378 -1.49 -33.68 2.26
N THR B 379 -1.75 -32.43 1.87
CA THR B 379 -0.67 -31.51 1.53
C THR B 379 0.24 -31.27 2.73
N ALA B 380 1.55 -31.38 2.53
CA ALA B 380 2.48 -31.28 3.64
C ALA B 380 3.83 -30.85 3.12
N VAL B 381 4.69 -30.38 4.01
CA VAL B 381 6.08 -30.05 3.67
C VAL B 381 6.99 -30.88 4.55
N THR B 382 8.12 -31.34 4.00
CA THR B 382 9.14 -31.98 4.83
C THR B 382 10.48 -31.24 4.74
N PHE B 383 10.94 -30.71 5.86
CA PHE B 383 12.28 -30.14 5.99
C PHE B 383 13.17 -31.15 6.68
N SER B 384 14.45 -31.14 6.35
CA SER B 384 15.37 -32.09 6.98
C SER B 384 16.79 -31.62 6.77
N ASN B 385 17.72 -32.32 7.42
CA ASN B 385 19.16 -32.11 7.23
C ASN B 385 19.51 -30.65 7.42
N ILE B 386 19.04 -30.09 8.53
CA ILE B 386 19.18 -28.66 8.80
C ILE B 386 20.56 -28.39 9.41
N ARG B 387 21.39 -27.62 8.68
CA ARG B 387 22.76 -27.30 9.07
C ARG B 387 22.99 -25.80 9.02
N TRP B 388 23.78 -25.25 9.94
CA TRP B 388 24.19 -23.86 9.77
C TRP B 388 25.60 -23.64 10.31
N GLY B 389 26.30 -22.68 9.73
CA GLY B 389 27.64 -22.40 10.20
C GLY B 389 28.43 -21.64 9.15
N ASP B 390 29.74 -21.88 9.14
CA ASP B 390 30.64 -21.14 8.26
C ASP B 390 30.23 -21.30 6.80
N ILE B 391 30.49 -20.25 6.01
CA ILE B 391 30.20 -20.28 4.58
C ILE B 391 30.92 -21.46 3.93
N GLY B 392 30.20 -22.21 3.11
CA GLY B 392 30.78 -23.32 2.38
C GLY B 392 30.89 -24.62 3.15
N SER B 393 30.54 -24.63 4.43
CA SER B 393 30.73 -25.79 5.29
C SER B 393 29.46 -26.58 5.56
N THR B 394 28.30 -26.12 5.09
CA THR B 394 27.05 -26.79 5.40
C THR B 394 26.49 -27.60 4.24
N PHE B 395 27.22 -27.70 3.12
CA PHE B 395 26.68 -28.41 1.96
C PHE B 395 27.80 -28.99 1.10
N GLN B 396 27.39 -29.90 0.21
CA GLN B 396 28.24 -30.53 -0.80
C GLN B 396 28.60 -29.58 -1.96
N GLN C 2 35.92 16.88 0.66
CA GLN C 2 36.52 17.99 -0.05
C GLN C 2 36.55 17.73 -1.55
N ILE C 3 37.29 18.53 -2.29
CA ILE C 3 37.28 18.52 -3.74
C ILE C 3 38.67 18.11 -4.23
N GLY C 4 38.70 17.28 -5.28
CA GLY C 4 39.93 16.80 -5.86
C GLY C 4 40.39 17.62 -7.05
N THR C 5 41.56 17.27 -7.58
CA THR C 5 42.15 18.05 -8.67
C THR C 5 41.49 17.79 -10.02
N ILE C 6 40.88 16.63 -10.23
CA ILE C 6 40.37 16.29 -11.57
C ILE C 6 39.27 17.27 -11.96
N PRO C 7 39.35 17.90 -13.13
CA PRO C 7 38.40 18.96 -13.48
C PRO C 7 36.98 18.46 -13.61
N GLU C 8 36.05 19.28 -13.13
CA GLU C 8 34.61 19.09 -13.35
C GLU C 8 34.19 20.09 -14.42
N VAL C 9 33.98 19.60 -15.64
CA VAL C 9 33.55 20.41 -16.78
C VAL C 9 32.15 19.97 -17.18
N HIS C 10 31.14 20.89 -17.04
CA HIS C 10 29.74 20.56 -17.26
C HIS C 10 29.37 20.69 -18.73
N PRO C 11 28.78 19.68 -19.35
CA PRO C 11 28.25 19.85 -20.71
C PRO C 11 27.25 20.99 -20.75
N LYS C 12 27.34 21.80 -21.79
CA LYS C 12 26.46 22.96 -21.93
C LYS C 12 25.16 22.56 -22.59
N LEU C 13 24.08 23.22 -22.19
CA LEU C 13 22.74 22.92 -22.69
C LEU C 13 21.94 24.20 -22.64
N PRO C 14 21.96 24.98 -23.70
CA PRO C 14 21.15 26.20 -23.71
C PRO C 14 19.68 25.85 -23.49
N THR C 15 18.99 26.70 -22.72
CA THR C 15 17.55 26.55 -22.52
C THR C 15 16.90 27.88 -22.87
N TRP C 16 15.56 27.98 -22.77
CA TRP C 16 14.88 29.22 -23.11
C TRP C 16 13.88 29.63 -22.03
N LYS C 17 13.82 30.93 -21.78
CA LYS C 17 12.87 31.50 -20.84
C LYS C 17 12.01 32.48 -21.64
N CYS C 18 10.70 32.28 -21.62
CA CYS C 18 9.80 32.91 -22.58
C CYS C 18 8.74 33.77 -21.88
N THR C 19 8.35 34.86 -22.54
CA THR C 19 7.28 35.74 -22.10
C THR C 19 6.31 36.00 -23.26
N THR C 20 5.08 36.34 -22.89
CA THR C 20 4.06 36.66 -23.89
C THR C 20 4.50 37.83 -24.75
N GLU C 21 4.88 38.94 -24.12
CA GLU C 21 5.22 40.18 -24.83
C GLU C 21 6.63 40.17 -25.39
N GLY C 22 7.55 39.39 -24.81
CA GLY C 22 8.94 39.51 -25.19
C GLY C 22 9.52 38.34 -25.95
N GLY C 23 8.84 37.20 -25.96
CA GLY C 23 9.38 36.04 -26.66
C GLY C 23 10.32 35.26 -25.78
N CYS C 24 11.17 34.46 -26.42
CA CYS C 24 12.06 33.53 -25.73
C CYS C 24 13.48 34.06 -25.75
N VAL C 25 14.10 34.26 -24.57
CA VAL C 25 15.53 34.55 -24.50
C VAL C 25 16.27 33.29 -24.07
N GLN C 26 17.39 33.02 -24.76
CA GLN C 26 18.21 31.86 -24.45
C GLN C 26 18.99 32.07 -23.16
N GLN C 27 19.04 31.01 -22.36
CA GLN C 27 19.78 30.93 -21.12
C GLN C 27 21.02 30.09 -21.37
N ASN C 28 22.18 30.57 -20.89
CA ASN C 28 23.44 29.83 -21.03
C ASN C 28 23.56 28.84 -19.86
N THR C 29 22.64 27.88 -19.85
CA THR C 29 22.62 26.88 -18.81
C THR C 29 23.49 25.67 -19.15
N SER C 30 23.77 24.85 -18.15
CA SER C 30 24.53 23.63 -18.41
C SER C 30 23.96 22.53 -17.55
N VAL C 31 24.66 21.40 -17.49
CA VAL C 31 24.14 20.16 -16.93
C VAL C 31 25.20 19.51 -16.03
N VAL C 32 24.82 19.08 -14.83
CA VAL C 32 25.77 18.47 -13.90
C VAL C 32 25.28 17.08 -13.49
N LEU C 33 26.21 16.13 -13.39
CA LEU C 33 25.84 14.79 -12.91
C LEU C 33 25.58 14.79 -11.41
N GLU C 34 24.81 13.78 -11.02
CA GLU C 34 24.60 13.44 -9.63
C GLU C 34 25.93 13.31 -8.90
N TYR C 35 25.98 13.85 -7.68
CA TYR C 35 27.16 13.74 -6.84
C TYR C 35 27.71 12.31 -6.82
N LEU C 36 26.85 11.31 -6.54
CA LEU C 36 27.34 9.95 -6.37
C LEU C 36 27.78 9.32 -7.69
N SER C 37 27.47 9.93 -8.82
CA SER C 37 27.98 9.49 -10.11
C SER C 37 29.38 10.01 -10.41
N HIS C 38 29.99 10.78 -9.49
CA HIS C 38 31.37 11.24 -9.50
C HIS C 38 32.23 10.28 -8.69
N PRO C 39 33.51 10.15 -8.98
CA PRO C 39 34.40 9.43 -8.06
C PRO C 39 34.47 10.16 -6.73
N ILE C 40 34.21 9.43 -5.64
CA ILE C 40 34.43 9.93 -4.28
C ILE C 40 35.35 8.92 -3.60
N HIS C 41 36.59 9.35 -3.33
CA HIS C 41 37.61 8.40 -2.90
C HIS C 41 38.39 8.96 -1.71
N GLU C 42 39.17 8.07 -1.10
CA GLU C 42 40.03 8.48 0.01
C GLU C 42 41.09 9.46 -0.46
N VAL C 43 41.42 10.43 0.41
CA VAL C 43 42.45 11.42 0.09
C VAL C 43 43.78 10.71 -0.10
N GLY C 44 44.39 10.90 -1.28
CA GLY C 44 45.66 10.30 -1.57
C GLY C 44 45.62 8.88 -2.11
N ASN C 45 44.50 8.18 -1.99
CA ASN C 45 44.37 6.81 -2.45
C ASN C 45 43.05 6.71 -3.23
N SER C 46 43.12 6.90 -4.55
CA SER C 46 41.89 6.97 -5.31
C SER C 46 41.30 5.60 -5.63
N ASP C 47 41.92 4.53 -5.12
CA ASP C 47 41.40 3.18 -5.23
C ASP C 47 40.42 2.82 -4.14
N VAL C 48 40.46 3.53 -3.01
CA VAL C 48 39.55 3.30 -1.91
C VAL C 48 38.37 4.26 -2.07
N SER C 49 37.19 3.71 -2.29
CA SER C 49 35.99 4.52 -2.42
C SER C 49 35.41 4.83 -1.05
N CYS C 50 34.85 6.04 -0.90
CA CYS C 50 34.15 6.43 0.31
C CYS C 50 32.68 6.04 0.30
N VAL C 51 32.14 5.64 -0.85
CA VAL C 51 30.77 5.15 -0.96
C VAL C 51 30.85 3.69 -1.38
N VAL C 52 30.39 2.80 -0.50
CA VAL C 52 30.64 1.36 -0.63
C VAL C 52 29.32 0.62 -0.53
N SER C 53 29.02 -0.19 -1.55
CA SER C 53 27.73 -0.91 -1.66
C SER C 53 26.57 0.07 -1.51
N GLY C 54 26.70 1.24 -2.13
CA GLY C 54 25.72 2.30 -2.02
C GLY C 54 25.71 3.05 -0.70
N GLY C 55 26.49 2.64 0.29
CA GLY C 55 26.55 3.30 1.59
C GLY C 55 27.91 3.90 1.90
N LEU C 56 28.13 4.34 3.13
CA LEU C 56 29.37 4.98 3.51
C LEU C 56 30.43 3.98 3.95
N ASN C 57 31.68 4.29 3.63
CA ASN C 57 32.84 3.59 4.14
C ASN C 57 32.98 3.91 5.63
N GLN C 58 32.57 2.94 6.48
CA GLN C 58 32.52 3.18 7.93
C GLN C 58 33.88 3.60 8.48
N SER C 59 34.96 3.02 7.93
CA SER C 59 36.29 3.35 8.43
C SER C 59 36.73 4.76 8.06
N LEU C 60 36.18 5.36 7.01
CA LEU C 60 36.58 6.70 6.59
C LEU C 60 35.59 7.78 6.99
N CYS C 61 34.29 7.45 7.04
CA CYS C 61 33.23 8.43 7.31
C CYS C 61 32.38 8.01 8.50
N PRO C 62 32.96 7.93 9.72
CA PRO C 62 32.12 7.70 10.91
C PRO C 62 31.31 8.91 11.31
N ASN C 63 31.69 10.10 10.84
CA ASN C 63 30.99 11.34 11.16
C ASN C 63 31.33 12.34 10.05
N GLU C 64 30.73 13.53 10.13
CA GLU C 64 30.88 14.46 9.02
C GLU C 64 32.30 15.01 8.94
N GLU C 65 33.02 15.04 10.07
CA GLU C 65 34.35 15.66 10.11
C GLU C 65 35.42 14.71 9.57
N GLU C 66 35.49 13.47 10.07
CA GLU C 66 36.38 12.51 9.42
C GLU C 66 36.05 12.30 7.96
N CYS C 67 34.76 12.37 7.60
CA CYS C 67 34.43 12.21 6.19
C CYS C 67 34.96 13.40 5.39
N SER C 68 34.91 14.59 5.98
CA SER C 68 35.42 15.77 5.30
C SER C 68 36.93 15.72 5.14
N LYS C 69 37.63 15.16 6.13
CA LYS C 69 39.08 15.07 6.09
C LYS C 69 39.59 13.93 5.21
N ASN C 70 38.81 12.87 5.02
CA ASN C 70 39.35 11.67 4.38
C ASN C 70 38.91 11.48 2.93
N CYS C 71 37.94 12.24 2.45
CA CYS C 71 37.28 11.93 1.20
C CYS C 71 37.26 13.15 0.29
N VAL C 72 37.47 12.90 -1.00
CA VAL C 72 37.34 13.96 -2.01
C VAL C 72 36.46 13.46 -3.15
N VAL C 73 35.71 14.38 -3.72
CA VAL C 73 34.98 14.18 -4.96
C VAL C 73 35.85 14.65 -6.12
N GLU C 74 35.75 13.95 -7.24
CA GLU C 74 36.52 14.24 -8.43
C GLU C 74 35.58 14.65 -9.56
N GLY C 75 36.15 15.27 -10.59
CA GLY C 75 35.38 15.51 -11.80
C GLY C 75 34.99 14.22 -12.49
N ALA C 76 33.86 14.25 -13.20
CA ALA C 76 33.32 13.08 -13.87
C ALA C 76 33.63 13.09 -15.37
N ASN C 77 33.83 11.89 -15.91
CA ASN C 77 33.90 11.57 -17.34
C ASN C 77 32.46 11.55 -17.85
N TYR C 78 31.97 12.65 -18.42
CA TYR C 78 30.53 12.70 -18.67
C TYR C 78 30.09 11.70 -19.74
N THR C 79 30.85 11.56 -20.82
CA THR C 79 30.38 10.69 -21.91
C THR C 79 30.38 9.22 -21.48
N SER C 80 31.38 8.81 -20.69
CA SER C 80 31.38 7.45 -20.17
C SER C 80 30.40 7.26 -19.02
N SER C 81 29.84 8.34 -18.49
CA SER C 81 28.68 8.28 -17.61
C SER C 81 27.38 8.36 -18.38
N GLY C 82 27.43 8.28 -19.71
CA GLY C 82 26.23 8.23 -20.54
C GLY C 82 25.58 9.56 -20.88
N VAL C 83 26.28 10.70 -20.69
CA VAL C 83 25.68 12.02 -20.87
C VAL C 83 26.32 12.70 -22.08
N HIS C 84 25.49 13.19 -23.01
CA HIS C 84 25.97 13.92 -24.18
C HIS C 84 25.11 15.15 -24.41
N THR C 85 25.72 16.25 -24.82
CA THR C 85 24.94 17.40 -25.27
C THR C 85 25.42 17.85 -26.64
N ASP C 86 24.46 18.18 -27.49
CA ASP C 86 24.68 18.64 -28.86
C ASP C 86 23.73 19.79 -29.10
N GLY C 87 24.26 21.00 -29.19
CA GLY C 87 23.39 22.17 -29.31
C GLY C 87 22.45 22.23 -28.12
N ASP C 88 21.16 22.28 -28.43
CA ASP C 88 20.13 22.38 -27.41
C ASP C 88 19.59 21.01 -26.98
N ALA C 89 20.29 19.93 -27.32
CA ALA C 89 19.78 18.57 -27.10
C ALA C 89 20.66 17.82 -26.10
N LEU C 90 20.03 17.32 -25.04
CA LEU C 90 20.63 16.41 -24.07
C LEU C 90 20.26 14.97 -24.42
N THR C 91 21.27 14.11 -24.54
CA THR C 91 21.05 12.69 -24.76
C THR C 91 21.57 11.92 -23.56
N LEU C 92 20.71 11.06 -23.00
CA LEU C 92 21.09 10.20 -21.88
C LEU C 92 21.04 8.76 -22.35
N ASN C 93 22.15 8.06 -22.11
CA ASN C 93 22.33 6.65 -22.46
C ASN C 93 22.31 5.80 -21.21
N GLN C 94 21.44 4.77 -21.22
CA GLN C 94 21.37 3.84 -20.09
C GLN C 94 22.65 3.03 -19.96
N TYR C 95 23.24 2.64 -21.07
CA TYR C 95 24.41 1.76 -21.08
C TYR C 95 25.56 2.39 -21.84
N VAL C 96 26.78 2.16 -21.35
CA VAL C 96 27.99 2.51 -22.07
C VAL C 96 28.79 1.22 -22.28
N THR C 97 29.70 1.24 -23.23
CA THR C 97 30.42 0.01 -23.58
C THR C 97 31.93 0.22 -23.49
N ASN C 98 32.54 -0.36 -22.44
CA ASN C 98 34.00 -0.53 -22.36
C ASN C 98 34.39 -1.65 -23.32
N GLY C 99 34.42 -1.31 -24.61
CA GLY C 99 34.79 -2.23 -25.66
C GLY C 99 33.82 -3.39 -25.80
N ASP C 100 34.00 -4.42 -24.98
CA ASP C 100 33.11 -5.57 -24.96
C ASP C 100 32.28 -5.65 -23.68
N GLN C 101 32.75 -5.02 -22.60
CA GLN C 101 31.99 -4.91 -21.36
C GLN C 101 30.85 -3.90 -21.55
N VAL C 102 29.63 -4.28 -21.17
CA VAL C 102 28.52 -3.34 -21.14
C VAL C 102 28.25 -2.93 -19.70
N VAL C 103 28.14 -1.63 -19.47
CA VAL C 103 28.16 -1.01 -18.15
C VAL C 103 26.93 -0.16 -18.02
N THR C 104 26.34 -0.13 -16.83
CA THR C 104 25.11 0.60 -16.59
C THR C 104 25.45 2.01 -16.19
N ALA C 105 25.25 2.96 -17.10
CA ALA C 105 25.48 4.36 -16.78
C ALA C 105 24.28 4.93 -16.02
N SER C 106 23.11 4.85 -16.63
CA SER C 106 21.86 5.29 -16.01
C SER C 106 22.04 6.67 -15.36
N PRO C 107 22.38 7.69 -16.16
CA PRO C 107 22.70 8.98 -15.57
C PRO C 107 21.48 9.74 -15.05
N ARG C 108 21.75 10.59 -14.06
CA ARG C 108 20.82 11.61 -13.60
C ARG C 108 21.59 12.91 -13.56
N VAL C 109 21.02 13.97 -14.15
CA VAL C 109 21.67 15.28 -14.24
C VAL C 109 20.70 16.39 -13.89
N TYR C 110 21.26 17.53 -13.49
CA TYR C 110 20.48 18.67 -13.02
C TYR C 110 20.91 19.91 -13.81
N LEU C 111 19.95 20.83 -14.01
CA LEU C 111 20.23 22.03 -14.78
C LEU C 111 20.95 23.06 -13.90
N LEU C 112 22.18 23.42 -14.27
CA LEU C 112 22.91 24.51 -13.62
C LEU C 112 22.68 25.85 -14.32
N ALA C 113 22.50 26.88 -13.49
CA ALA C 113 22.40 28.24 -14.00
C ALA C 113 23.77 28.85 -14.27
N SER C 114 24.81 28.40 -13.56
CA SER C 114 26.15 28.95 -13.63
C SER C 114 27.18 27.85 -13.44
N ASP C 115 28.34 28.01 -14.09
CA ASP C 115 29.49 27.12 -13.92
C ASP C 115 30.57 27.68 -12.98
N ASP C 116 30.39 28.91 -12.48
CA ASP C 116 31.24 29.59 -11.50
C ASP C 116 31.21 28.89 -10.13
N GLU C 117 32.10 29.36 -9.24
CA GLU C 117 32.32 28.68 -7.96
C GLU C 117 31.10 28.75 -7.05
N ASP C 118 30.39 29.89 -7.06
CA ASP C 118 29.14 30.03 -6.32
C ASP C 118 27.92 29.68 -7.17
N GLY C 119 28.12 28.98 -8.28
CA GLY C 119 27.03 28.77 -9.22
C GLY C 119 26.02 27.78 -8.68
N ASN C 120 24.74 28.13 -8.77
CA ASN C 120 23.67 27.30 -8.25
C ASN C 120 22.88 26.66 -9.38
N TYR C 121 22.04 25.71 -8.99
CA TYR C 121 21.08 25.15 -9.92
C TYR C 121 20.11 26.24 -10.38
N SER C 122 19.62 26.09 -11.61
CA SER C 122 18.45 26.86 -12.05
C SER C 122 17.25 26.50 -11.18
N MET C 123 16.67 27.51 -10.54
CA MET C 123 15.48 27.33 -9.71
C MET C 123 14.28 27.78 -10.54
N LEU C 124 13.72 26.85 -11.31
CA LEU C 124 12.54 27.16 -12.12
C LEU C 124 11.32 27.44 -11.25
N GLN C 125 10.62 28.53 -11.54
CA GLN C 125 9.39 28.88 -10.88
C GLN C 125 8.26 28.76 -11.87
N LEU C 126 7.44 27.70 -11.73
CA LEU C 126 6.48 27.35 -12.77
C LEU C 126 5.03 27.60 -12.38
N LEU C 127 4.78 28.08 -11.16
CA LEU C 127 3.41 28.41 -10.78
C LEU C 127 2.83 29.43 -11.75
N GLY C 128 1.69 29.11 -12.34
CA GLY C 128 1.10 30.00 -13.33
C GLY C 128 1.87 30.13 -14.62
N GLN C 129 2.72 29.14 -14.94
CA GLN C 129 3.68 29.16 -16.04
C GLN C 129 3.55 27.84 -16.79
N GLU C 130 4.24 27.73 -17.93
CA GLU C 130 4.29 26.46 -18.63
C GLU C 130 5.74 26.09 -18.92
N LEU C 131 5.95 24.80 -19.17
CA LEU C 131 7.23 24.24 -19.58
C LEU C 131 7.01 23.33 -20.79
N SER C 132 7.77 23.55 -21.85
CA SER C 132 7.72 22.76 -23.06
C SER C 132 9.09 22.15 -23.34
N PHE C 133 9.09 20.95 -23.89
CA PHE C 133 10.34 20.36 -24.35
C PHE C 133 10.05 19.41 -25.51
N ASP C 134 11.02 19.28 -26.40
CA ASP C 134 10.95 18.28 -27.45
C ASP C 134 11.60 17.00 -26.94
N VAL C 135 11.05 15.85 -27.30
CA VAL C 135 11.58 14.59 -26.82
C VAL C 135 11.58 13.57 -27.95
N ASP C 136 12.62 12.72 -27.96
CA ASP C 136 12.66 11.48 -28.72
C ASP C 136 12.79 10.32 -27.76
N VAL C 137 11.71 9.55 -27.68
CA VAL C 137 11.55 8.35 -26.86
C VAL C 137 11.56 7.09 -27.71
N SER C 138 11.85 7.21 -29.01
CA SER C 138 11.68 6.06 -29.90
C SER C 138 12.67 4.94 -29.63
N LYS C 139 13.72 5.16 -28.86
CA LYS C 139 14.63 4.09 -28.45
C LYS C 139 14.33 3.53 -27.06
N LEU C 140 13.34 4.05 -26.36
CA LEU C 140 13.01 3.61 -25.00
C LEU C 140 12.04 2.43 -25.09
N VAL C 141 12.55 1.22 -24.89
CA VAL C 141 11.72 0.02 -24.98
C VAL C 141 10.96 -0.16 -23.68
N CYS C 142 10.09 -1.19 -23.62
CA CYS C 142 9.39 -1.56 -22.39
C CYS C 142 10.35 -1.70 -21.22
N GLY C 143 9.96 -1.19 -20.07
CA GLY C 143 10.80 -1.25 -18.89
C GLY C 143 11.69 -0.05 -18.70
N MET C 144 11.85 0.80 -19.71
CA MET C 144 12.71 1.97 -19.58
C MET C 144 11.89 3.16 -19.10
N ASN C 145 12.59 4.08 -18.44
CA ASN C 145 11.99 5.32 -17.98
C ASN C 145 12.98 6.45 -18.30
N GLY C 146 12.63 7.27 -19.29
CA GLY C 146 13.29 8.55 -19.50
C GLY C 146 12.44 9.61 -18.84
N ALA C 147 13.02 10.30 -17.86
CA ALA C 147 12.32 11.17 -16.95
C ALA C 147 12.86 12.59 -17.03
N LEU C 148 11.93 13.54 -17.02
CA LEU C 148 12.21 14.95 -16.84
C LEU C 148 11.26 15.42 -15.75
N TYR C 149 11.82 15.98 -14.67
CA TYR C 149 10.99 16.30 -13.51
C TYR C 149 11.65 17.41 -12.71
N LEU C 150 11.00 17.76 -11.60
CA LEU C 150 11.39 18.87 -10.75
C LEU C 150 11.45 18.39 -9.30
N SER C 151 12.52 18.73 -8.60
CA SER C 151 12.63 18.43 -7.18
C SER C 151 12.94 19.72 -6.42
N GLU C 152 12.36 19.89 -5.24
CA GLU C 152 12.63 21.09 -4.45
C GLU C 152 13.94 20.92 -3.67
N MET C 153 15.00 20.68 -4.42
CA MET C 153 16.35 20.69 -3.87
C MET C 153 16.74 22.10 -3.45
N ASP C 154 17.79 22.17 -2.63
CA ASP C 154 18.37 23.47 -2.32
C ASP C 154 19.14 24.00 -3.53
N ALA C 155 18.97 25.29 -3.83
CA ALA C 155 19.62 25.85 -5.01
C ALA C 155 21.13 25.68 -4.97
N SER C 156 21.72 25.61 -3.79
CA SER C 156 23.16 25.47 -3.64
C SER C 156 23.59 24.02 -3.54
N GLY C 157 22.65 23.08 -3.51
CA GLY C 157 22.97 21.69 -3.37
C GLY C 157 23.53 21.31 -2.01
N GLY C 158 23.30 22.09 -0.97
CA GLY C 158 23.83 21.78 0.35
C GLY C 158 25.29 22.15 0.58
N ARG C 159 25.81 23.09 -0.21
CA ARG C 159 27.19 23.56 -0.12
C ARG C 159 27.49 24.11 1.28
N ASN C 160 28.56 23.58 1.89
CA ASN C 160 28.88 23.92 3.28
C ASN C 160 30.35 23.59 3.53
N SER C 161 30.87 24.08 4.65
CA SER C 161 32.32 24.04 4.84
C SER C 161 32.85 22.60 4.93
N LEU C 162 32.05 21.67 5.42
CA LEU C 162 32.54 20.30 5.47
C LEU C 162 32.37 19.53 4.16
N ASN C 163 31.43 19.94 3.30
CA ASN C 163 31.31 19.42 1.95
C ASN C 163 30.98 20.59 1.03
N PRO C 164 31.99 21.24 0.46
CA PRO C 164 31.77 22.45 -0.35
C PRO C 164 31.41 22.19 -1.80
N ALA C 165 31.21 20.92 -2.18
CA ALA C 165 30.99 20.58 -3.58
C ALA C 165 29.78 21.32 -4.15
N GLY C 166 28.63 21.16 -3.50
CA GLY C 166 27.40 21.87 -3.86
C GLY C 166 26.89 21.52 -5.25
N ALA C 167 26.14 22.47 -5.80
CA ALA C 167 25.52 22.27 -7.12
C ALA C 167 26.54 21.97 -8.19
N GLN C 168 27.77 22.50 -8.06
CA GLN C 168 28.77 22.32 -9.11
C GLN C 168 29.20 20.88 -9.25
N TYR C 169 28.93 20.03 -8.25
CA TYR C 169 29.18 18.60 -8.36
C TYR C 169 27.92 17.76 -8.17
N GLY C 170 26.74 18.35 -8.36
CA GLY C 170 25.52 17.59 -8.31
C GLY C 170 25.07 17.18 -6.92
N SER C 171 25.44 17.96 -5.90
CA SER C 171 25.11 17.62 -4.52
C SER C 171 23.66 18.00 -4.21
N GLY C 172 23.10 17.35 -3.19
CA GLY C 172 21.85 17.81 -2.61
C GLY C 172 20.56 17.20 -3.15
N TYR C 173 20.62 16.09 -3.88
CA TYR C 173 19.40 15.55 -4.47
C TYR C 173 18.40 15.10 -3.42
N CYS C 174 17.12 15.26 -3.75
CA CYS C 174 16.02 14.70 -2.98
C CYS C 174 14.83 14.56 -3.90
N ASP C 175 13.89 13.72 -3.50
CA ASP C 175 12.61 13.63 -4.20
C ASP C 175 11.58 13.09 -3.21
N ALA C 176 10.39 12.77 -3.70
CA ALA C 176 9.29 12.33 -2.87
C ALA C 176 9.36 10.85 -2.50
N GLN C 177 10.39 10.14 -2.91
CA GLN C 177 10.59 8.77 -2.47
C GLN C 177 11.41 8.69 -1.19
N CYS C 178 11.88 9.83 -0.67
CA CYS C 178 12.58 9.86 0.61
C CYS C 178 13.67 8.81 0.70
N GLY C 179 14.43 8.65 -0.38
CA GLY C 179 15.37 7.56 -0.47
C GLY C 179 16.52 7.71 0.52
N VAL C 180 16.97 6.57 1.04
CA VAL C 180 18.12 6.55 1.92
C VAL C 180 19.37 6.66 1.08
N GLN C 181 20.22 7.63 1.38
CA GLN C 181 21.38 7.92 0.54
C GLN C 181 22.48 8.47 1.43
N PRO C 182 23.76 8.31 1.06
CA PRO C 182 24.84 8.58 2.01
C PRO C 182 25.05 10.05 2.32
N PHE C 183 24.66 10.97 1.42
CA PHE C 183 24.71 12.37 1.82
C PHE C 183 23.34 12.98 1.57
N ILE C 184 22.83 13.72 2.55
CA ILE C 184 21.57 14.44 2.44
C ILE C 184 21.86 15.93 2.58
N ASN C 185 21.55 16.70 1.53
CA ASN C 185 21.75 18.15 1.52
C ASN C 185 23.19 18.51 1.88
N GLY C 186 24.15 17.76 1.33
CA GLY C 186 25.56 18.02 1.59
C GLY C 186 26.08 17.52 2.92
N THR C 187 25.26 16.87 3.73
CA THR C 187 25.66 16.41 5.05
C THR C 187 25.69 14.89 5.11
N VAL C 188 26.64 14.34 5.86
CA VAL C 188 26.83 12.90 5.95
C VAL C 188 25.65 12.24 6.66
N ASN C 189 25.14 11.15 6.08
CA ASN C 189 24.05 10.37 6.64
C ASN C 189 24.62 9.06 7.19
N THR C 190 25.07 9.08 8.44
CA THR C 190 25.67 7.86 8.96
C THR C 190 24.67 6.76 9.30
N GLY C 191 23.39 6.91 8.94
CA GLY C 191 22.49 5.77 9.04
C GLY C 191 21.01 5.98 8.80
N SER C 192 20.53 5.59 7.64
CA SER C 192 19.12 5.27 7.38
C SER C 192 18.19 6.49 7.28
N LEU C 193 18.67 7.72 7.37
CA LEU C 193 17.77 8.82 7.07
C LEU C 193 17.49 8.85 5.57
N GLY C 194 16.33 9.40 5.21
CA GLY C 194 15.98 9.55 3.80
C GLY C 194 15.90 10.99 3.34
N ALA C 195 16.00 11.24 2.03
CA ALA C 195 16.10 12.59 1.48
C ALA C 195 14.80 12.98 0.78
N CYS C 196 14.01 13.84 1.41
CA CYS C 196 12.63 14.10 1.04
C CYS C 196 12.49 15.51 0.50
N CYS C 197 11.65 15.68 -0.52
CA CYS C 197 11.18 17.01 -0.92
C CYS C 197 10.09 16.87 -1.96
N ASN C 198 9.24 17.90 -2.04
CA ASN C 198 8.22 18.04 -3.07
C ASN C 198 8.78 17.74 -4.45
N GLU C 199 8.00 17.00 -5.24
CA GLU C 199 8.47 16.52 -6.54
C GLU C 199 7.36 16.64 -7.55
N MET C 200 7.67 17.17 -8.73
CA MET C 200 6.73 17.24 -9.84
C MET C 200 7.28 16.42 -11.00
N ASP C 201 6.71 15.23 -11.24
CA ASP C 201 7.17 14.37 -12.32
C ASP C 201 6.43 14.79 -13.58
N ILE C 202 7.00 15.79 -14.28
CA ILE C 202 6.43 16.26 -15.54
C ILE C 202 6.36 15.13 -16.56
N TRP C 203 7.37 14.26 -16.57
CA TRP C 203 7.50 13.34 -17.68
C TRP C 203 8.22 12.09 -17.19
N GLU C 204 7.50 10.98 -17.16
CA GLU C 204 8.10 9.65 -17.00
C GLU C 204 7.58 8.80 -18.14
N ALA C 205 8.45 8.38 -19.05
CA ALA C 205 7.88 7.76 -20.24
C ALA C 205 8.89 6.88 -20.96
N ASN C 206 8.34 6.04 -21.82
CA ASN C 206 9.09 5.33 -22.82
C ASN C 206 8.25 5.36 -24.09
N ALA C 207 8.56 4.52 -25.08
CA ALA C 207 7.83 4.59 -26.32
C ALA C 207 6.42 4.03 -26.21
N LEU C 208 6.08 3.38 -25.10
CA LEU C 208 4.80 2.68 -24.98
C LEU C 208 3.83 3.34 -24.02
N ALA C 209 4.28 4.25 -23.15
CA ALA C 209 3.44 4.78 -22.10
C ALA C 209 4.13 5.98 -21.46
N THR C 210 3.33 6.87 -20.88
CA THR C 210 3.82 8.09 -20.24
C THR C 210 2.96 8.41 -19.02
N ALA C 211 3.58 8.96 -17.96
CA ALA C 211 2.86 9.36 -16.76
C ALA C 211 3.27 10.76 -16.34
N LEU C 212 2.31 11.52 -15.82
CA LEU C 212 2.50 12.85 -15.25
C LEU C 212 2.04 12.81 -13.80
N THR C 213 2.96 13.03 -12.85
CA THR C 213 2.69 12.69 -11.44
C THR C 213 3.17 13.77 -10.47
N PRO C 214 2.27 14.59 -9.94
CA PRO C 214 2.64 15.40 -8.76
C PRO C 214 2.77 14.55 -7.50
N HIS C 215 3.77 14.90 -6.68
CA HIS C 215 4.13 14.22 -5.44
C HIS C 215 4.35 15.27 -4.36
N PRO C 216 3.31 15.62 -3.61
CA PRO C 216 3.47 16.61 -2.54
C PRO C 216 4.15 16.04 -1.30
N CYS C 217 4.72 16.95 -0.52
CA CYS C 217 5.25 16.65 0.80
C CYS C 217 4.73 17.68 1.80
N SER C 218 4.78 17.34 3.07
CA SER C 218 4.37 18.28 4.11
C SER C 218 5.52 19.16 4.59
N VAL C 219 6.68 19.07 3.94
CA VAL C 219 7.83 19.89 4.25
C VAL C 219 8.07 20.83 3.08
N THR C 220 8.81 21.90 3.34
CA THR C 220 9.29 22.79 2.28
C THR C 220 10.81 22.65 2.11
N SER C 221 11.24 22.51 0.86
CA SER C 221 12.61 22.21 0.48
C SER C 221 13.05 20.90 1.15
N ILE C 222 14.35 20.60 1.12
CA ILE C 222 14.84 19.26 1.44
C ILE C 222 14.69 18.95 2.93
N TYR C 223 14.38 17.70 3.25
CA TYR C 223 14.10 17.26 4.60
C TYR C 223 14.72 15.88 4.80
N ALA C 224 15.46 15.69 5.90
CA ALA C 224 15.99 14.36 6.23
C ALA C 224 14.99 13.65 7.14
N CYS C 225 14.34 12.62 6.61
CA CYS C 225 13.29 11.90 7.32
C CYS C 225 13.83 10.71 8.10
N SER C 226 13.16 10.43 9.21
CA SER C 226 13.53 9.33 10.08
C SER C 226 12.34 8.39 10.24
N GLY C 227 12.59 7.10 10.01
CA GLY C 227 11.63 6.08 10.40
C GLY C 227 10.34 6.18 9.61
N ALA C 228 9.21 6.27 10.34
CA ALA C 228 7.92 6.31 9.67
C ALA C 228 7.73 7.57 8.84
N GLU C 229 8.47 8.65 9.14
CA GLU C 229 8.46 9.83 8.29
C GLU C 229 8.81 9.48 6.85
N CYS C 230 9.59 8.43 6.66
CA CYS C 230 10.01 7.99 5.33
C CYS C 230 9.02 7.02 4.70
N GLY C 231 7.91 6.74 5.37
CA GLY C 231 6.95 5.77 4.86
C GLY C 231 6.18 6.29 3.67
N SER C 232 5.30 5.41 3.16
CA SER C 232 4.61 5.74 1.91
C SER C 232 3.56 6.83 2.09
N ASN C 233 2.96 6.95 3.28
CA ASN C 233 2.24 8.16 3.65
C ASN C 233 2.93 8.78 4.87
N GLY C 234 4.14 9.29 4.66
CA GLY C 234 4.88 9.96 5.71
C GLY C 234 4.92 11.45 5.48
N VAL C 235 6.11 12.05 5.44
CA VAL C 235 6.17 13.46 5.11
C VAL C 235 5.96 13.68 3.62
N CYS C 236 6.10 12.64 2.81
CA CYS C 236 5.88 12.76 1.37
C CYS C 236 4.88 11.71 0.90
N ASP C 237 4.29 12.04 -0.24
CA ASP C 237 3.32 11.20 -0.96
C ASP C 237 4.10 10.38 -2.00
N LYS C 238 4.57 9.20 -1.59
CA LYS C 238 5.32 8.36 -2.53
C LYS C 238 4.51 7.95 -3.75
N PRO C 239 3.28 7.45 -3.64
CA PRO C 239 2.57 7.01 -4.86
C PRO C 239 2.29 8.12 -5.84
N GLY C 240 1.80 9.27 -5.37
CA GLY C 240 1.57 10.40 -6.23
C GLY C 240 0.25 10.32 -6.97
N CYS C 241 -0.09 11.42 -7.63
CA CYS C 241 -1.33 11.54 -8.41
C CYS C 241 -1.03 11.29 -9.89
N GLY C 242 -0.88 10.03 -10.27
CA GLY C 242 -0.42 9.69 -11.62
C GLY C 242 -1.48 9.85 -12.71
N TYR C 243 -1.11 10.54 -13.79
CA TYR C 243 -1.95 10.81 -14.95
C TYR C 243 -1.29 10.11 -16.14
N ASN C 244 -1.86 8.99 -16.55
CA ASN C 244 -1.39 8.16 -17.65
C ASN C 244 -2.52 8.02 -18.65
N PRO C 245 -2.36 8.46 -19.90
CA PRO C 245 -3.52 8.45 -20.82
C PRO C 245 -3.99 7.06 -21.18
N TYR C 246 -3.10 6.06 -21.19
CA TYR C 246 -3.50 4.67 -21.43
C TYR C 246 -4.37 4.15 -20.30
N ALA C 247 -3.92 4.36 -19.05
CA ALA C 247 -4.64 3.89 -17.87
C ALA C 247 -6.01 4.55 -17.74
N LEU C 248 -6.12 5.81 -18.18
CA LEU C 248 -7.36 6.55 -18.03
C LEU C 248 -8.31 6.33 -19.18
N GLY C 249 -8.00 5.38 -20.06
CA GLY C 249 -8.97 4.77 -20.95
C GLY C 249 -8.85 5.04 -22.44
N ASP C 250 -7.71 5.48 -22.92
CA ASP C 250 -7.50 5.61 -24.37
C ASP C 250 -6.21 4.87 -24.67
N HIS C 251 -6.34 3.61 -25.07
CA HIS C 251 -5.18 2.79 -25.40
C HIS C 251 -4.59 3.13 -26.76
N ASN C 252 -5.03 4.21 -27.40
CA ASN C 252 -4.57 4.54 -28.74
C ASN C 252 -4.13 5.99 -28.85
N TYR C 253 -3.91 6.64 -27.72
CA TYR C 253 -3.51 8.03 -27.70
C TYR C 253 -2.00 8.19 -27.82
N TYR C 254 -1.23 7.43 -27.03
CA TYR C 254 0.22 7.56 -27.07
C TYR C 254 0.92 6.21 -27.16
N GLY C 255 1.87 6.13 -28.10
CA GLY C 255 2.54 4.92 -28.46
C GLY C 255 2.98 4.95 -29.91
N PRO C 256 3.54 3.85 -30.40
CA PRO C 256 4.01 3.79 -31.79
C PRO C 256 2.86 3.89 -32.77
N GLY C 257 2.94 4.85 -33.70
CA GLY C 257 1.89 5.03 -34.66
C GLY C 257 0.58 5.58 -34.12
N LYS C 258 0.52 5.89 -32.83
CA LYS C 258 -0.70 6.37 -32.19
C LYS C 258 -0.88 7.87 -32.47
N THR C 259 -1.86 8.49 -31.80
CA THR C 259 -2.12 9.91 -31.98
C THR C 259 -0.88 10.75 -31.69
N VAL C 260 -0.24 10.52 -30.54
CA VAL C 260 1.11 10.99 -30.27
C VAL C 260 2.02 9.84 -30.70
N ASP C 261 2.66 9.97 -31.86
CA ASP C 261 3.46 8.90 -32.45
C ASP C 261 4.86 8.90 -31.83
N THR C 262 5.15 7.90 -31.00
CA THR C 262 6.41 7.85 -30.28
C THR C 262 7.57 7.39 -31.13
N SER C 263 7.31 6.88 -32.33
CA SER C 263 8.42 6.56 -33.21
C SER C 263 9.11 7.79 -33.78
N ARG C 264 8.60 8.98 -33.50
CA ARG C 264 9.16 10.22 -34.02
C ARG C 264 9.22 11.23 -32.88
N PRO C 265 10.05 12.27 -33.00
CA PRO C 265 10.10 13.29 -31.96
C PRO C 265 8.77 14.03 -31.84
N PHE C 266 8.57 14.68 -30.70
CA PHE C 266 7.37 15.49 -30.50
C PHE C 266 7.60 16.44 -29.33
N THR C 267 6.73 17.42 -29.21
CA THR C 267 6.80 18.41 -28.15
C THR C 267 5.81 18.05 -27.05
N VAL C 268 6.27 18.16 -25.80
CA VAL C 268 5.47 17.96 -24.59
C VAL C 268 5.33 19.31 -23.91
N VAL C 269 4.08 19.76 -23.75
CA VAL C 269 3.72 21.04 -23.14
C VAL C 269 3.01 20.75 -21.82
N THR C 270 3.46 21.38 -20.73
CA THR C 270 2.78 21.24 -19.45
C THR C 270 2.50 22.62 -18.88
N GLN C 271 1.25 22.85 -18.50
CA GLN C 271 0.77 24.15 -18.07
C GLN C 271 0.30 24.04 -16.63
N PHE C 272 0.87 24.87 -15.74
CA PHE C 272 0.49 24.82 -14.34
C PHE C 272 -0.42 26.02 -14.10
N LEU C 273 -1.73 25.78 -14.24
CA LEU C 273 -2.74 26.84 -14.29
C LEU C 273 -3.30 27.15 -12.91
N THR C 274 -3.44 28.44 -12.64
CA THR C 274 -3.89 28.97 -11.36
C THR C 274 -5.28 29.57 -11.48
N ASN C 275 -5.91 29.72 -10.31
CA ASN C 275 -7.32 30.11 -10.25
C ASN C 275 -7.55 31.49 -10.85
N ASP C 276 -6.60 32.42 -10.65
CA ASP C 276 -6.75 33.79 -11.11
C ASP C 276 -5.79 34.15 -12.24
N ASN C 277 -5.09 33.15 -12.81
CA ASN C 277 -4.15 33.35 -13.91
C ASN C 277 -3.04 34.32 -13.59
N THR C 278 -2.64 34.39 -12.32
CA THR C 278 -1.39 35.03 -11.94
C THR C 278 -0.38 33.97 -11.56
N THR C 279 0.89 34.36 -11.51
CA THR C 279 1.94 33.49 -11.02
C THR C 279 1.97 33.43 -9.50
N THR C 280 0.97 34.01 -8.85
CA THR C 280 0.84 34.02 -7.40
C THR C 280 -0.50 33.47 -6.95
N GLY C 281 -1.32 33.00 -7.87
CA GLY C 281 -2.57 32.35 -7.53
C GLY C 281 -2.36 30.94 -7.01
N THR C 282 -3.48 30.26 -6.84
CA THR C 282 -3.48 28.87 -6.39
C THR C 282 -3.47 27.96 -7.60
N LEU C 283 -2.51 27.05 -7.65
CA LEU C 283 -2.52 26.02 -8.67
C LEU C 283 -3.78 25.20 -8.59
N THR C 284 -4.60 25.24 -9.63
CA THR C 284 -5.85 24.48 -9.64
C THR C 284 -5.94 23.47 -10.76
N GLU C 285 -5.05 23.52 -11.75
CA GLU C 285 -5.14 22.52 -12.80
C GLU C 285 -3.77 22.36 -13.43
N ILE C 286 -3.43 21.12 -13.81
CA ILE C 286 -2.21 20.85 -14.59
C ILE C 286 -2.66 20.25 -15.91
N ARG C 287 -2.33 20.92 -17.01
CA ARG C 287 -2.83 20.52 -18.31
C ARG C 287 -1.67 20.11 -19.21
N ARG C 288 -1.91 19.09 -20.04
CA ARG C 288 -0.89 18.51 -20.92
C ARG C 288 -1.31 18.66 -22.38
N LEU C 289 -0.38 19.10 -23.22
CA LEU C 289 -0.58 19.19 -24.65
C LEU C 289 0.62 18.58 -25.35
N TYR C 290 0.40 18.03 -26.55
CA TYR C 290 1.50 17.60 -27.37
C TYR C 290 1.50 18.43 -28.65
N VAL C 291 2.65 18.50 -29.30
CA VAL C 291 2.73 19.11 -30.61
C VAL C 291 3.53 18.16 -31.50
N GLN C 292 2.92 17.72 -32.59
CA GLN C 292 3.63 16.87 -33.53
C GLN C 292 3.09 17.20 -34.91
N ASP C 293 3.99 17.22 -35.90
CA ASP C 293 3.59 17.53 -37.27
C ASP C 293 2.92 18.90 -37.35
N GLY C 294 3.43 19.86 -36.58
CA GLY C 294 2.87 21.20 -36.55
C GLY C 294 1.42 21.26 -36.09
N ASN C 295 0.92 20.18 -35.49
CA ASN C 295 -0.46 20.10 -35.00
C ASN C 295 -0.44 19.96 -33.50
N VAL C 296 -1.29 20.75 -32.84
CA VAL C 296 -1.41 20.73 -31.39
C VAL C 296 -2.45 19.67 -31.03
N ILE C 297 -2.05 18.73 -30.16
CA ILE C 297 -2.83 17.58 -29.77
C ILE C 297 -3.23 17.77 -28.31
N GLY C 298 -4.53 17.88 -28.06
CA GLY C 298 -5.00 18.05 -26.71
C GLY C 298 -5.35 16.73 -26.03
N PRO C 299 -5.86 16.81 -24.80
CA PRO C 299 -6.25 15.60 -24.08
C PRO C 299 -7.23 14.74 -24.88
N SER C 300 -7.10 13.43 -24.71
CA SER C 300 -8.01 12.51 -25.38
C SER C 300 -9.42 12.66 -24.82
N PRO C 301 -10.44 12.85 -25.66
CA PRO C 301 -11.81 12.82 -25.16
C PRO C 301 -12.23 11.44 -24.66
N SER C 302 -11.51 10.39 -25.01
CA SER C 302 -11.81 9.06 -24.48
C SER C 302 -11.28 8.83 -23.08
N ASP C 303 -10.37 9.69 -22.59
CA ASP C 303 -9.91 9.61 -21.21
C ASP C 303 -10.99 10.06 -20.23
N SER C 304 -10.97 9.48 -19.03
CA SER C 304 -12.00 9.79 -18.04
C SER C 304 -11.94 11.23 -17.60
N VAL C 305 -10.76 11.85 -17.58
CA VAL C 305 -10.61 13.26 -17.28
C VAL C 305 -9.64 13.85 -18.30
N SER C 306 -9.68 15.17 -18.43
CA SER C 306 -8.86 15.86 -19.43
C SER C 306 -7.67 16.59 -18.83
N SER C 307 -7.50 16.55 -17.51
CA SER C 307 -6.37 17.22 -16.89
C SER C 307 -6.30 16.77 -15.43
N ILE C 308 -5.24 17.19 -14.75
CA ILE C 308 -5.06 16.90 -13.33
C ILE C 308 -5.68 18.03 -12.51
N THR C 309 -6.63 17.68 -11.64
CA THR C 309 -7.22 18.55 -10.63
C THR C 309 -7.20 17.83 -9.29
N ASP C 310 -7.49 18.57 -8.20
CA ASP C 310 -7.53 17.91 -6.89
C ASP C 310 -8.56 16.79 -6.88
N SER C 311 -9.71 17.06 -7.51
CA SER C 311 -10.80 16.10 -7.63
C SER C 311 -10.34 14.75 -8.17
N PHE C 312 -9.55 14.74 -9.26
CA PHE C 312 -9.13 13.44 -9.76
C PHE C 312 -7.97 12.83 -8.98
N CYS C 313 -7.06 13.66 -8.49
CA CYS C 313 -5.99 13.15 -7.64
C CYS C 313 -6.56 12.33 -6.50
N SER C 314 -7.62 12.86 -5.87
CA SER C 314 -8.17 12.12 -4.74
C SER C 314 -8.74 10.76 -5.16
N THR C 315 -9.14 10.61 -6.43
CA THR C 315 -9.60 9.30 -6.88
C THR C 315 -8.46 8.33 -7.15
N VAL C 316 -7.25 8.81 -7.45
CA VAL C 316 -6.13 7.86 -7.57
C VAL C 316 -5.20 7.84 -6.36
N ASP C 317 -5.36 8.74 -5.41
CA ASP C 317 -4.30 8.96 -4.40
C ASP C 317 -4.92 9.54 -3.14
N SER C 318 -5.11 8.68 -2.15
CA SER C 318 -5.86 9.07 -0.97
C SER C 318 -5.07 10.00 -0.04
N TYR C 319 -3.77 10.20 -0.30
CA TYR C 319 -2.92 10.99 0.58
C TYR C 319 -2.51 12.32 -0.04
N PHE C 320 -2.91 12.56 -1.30
CA PHE C 320 -2.55 13.77 -2.02
C PHE C 320 -3.08 15.02 -1.33
N GLU C 321 -4.35 15.03 -1.01
CA GLU C 321 -4.93 16.26 -0.46
C GLU C 321 -4.54 16.53 1.00
N PRO C 322 -4.45 15.52 1.88
CA PRO C 322 -3.95 15.81 3.23
C PRO C 322 -2.58 16.44 3.29
N LEU C 323 -1.70 16.20 2.30
CA LEU C 323 -0.41 16.89 2.26
C LEU C 323 -0.47 18.21 1.51
N GLY C 324 -1.67 18.75 1.29
CA GLY C 324 -1.85 20.07 0.75
C GLY C 324 -2.33 20.15 -0.68
N GLY C 325 -2.47 19.02 -1.38
CA GLY C 325 -2.96 18.99 -2.75
C GLY C 325 -2.18 19.86 -3.72
N LEU C 326 -2.90 20.30 -4.77
CA LEU C 326 -2.29 21.12 -5.81
C LEU C 326 -1.92 22.50 -5.32
N LYS C 327 -2.61 23.02 -4.29
CA LYS C 327 -2.24 24.32 -3.74
C LYS C 327 -0.80 24.30 -3.25
N GLU C 328 -0.42 23.28 -2.50
CA GLU C 328 0.93 23.27 -1.96
C GLU C 328 1.93 22.74 -2.97
N MET C 329 1.48 21.89 -3.88
CA MET C 329 2.31 21.59 -5.04
C MET C 329 2.69 22.88 -5.78
N GLY C 330 1.72 23.78 -5.95
CA GLY C 330 1.97 25.02 -6.65
C GLY C 330 2.78 26.00 -5.84
N GLU C 331 2.67 25.95 -4.51
CA GLU C 331 3.53 26.79 -3.68
C GLU C 331 4.99 26.37 -3.81
N ALA C 332 5.25 25.06 -3.91
CA ALA C 332 6.61 24.61 -4.18
C ALA C 332 7.06 25.05 -5.57
N LEU C 333 6.19 24.93 -6.57
CA LEU C 333 6.54 25.41 -7.90
C LEU C 333 6.79 26.92 -7.91
N GLY C 334 6.16 27.65 -6.99
CA GLY C 334 6.36 29.07 -6.93
C GLY C 334 7.64 29.45 -6.21
N ARG C 335 8.05 28.65 -5.23
CA ARG C 335 9.33 28.89 -4.59
C ARG C 335 10.48 28.62 -5.54
N GLY C 336 10.34 27.62 -6.41
CA GLY C 336 11.45 27.33 -7.33
C GLY C 336 11.94 25.92 -7.10
N MET C 337 12.13 25.18 -8.20
CA MET C 337 12.55 23.80 -8.11
C MET C 337 13.62 23.51 -9.16
N VAL C 338 14.44 22.50 -8.87
CA VAL C 338 15.54 22.07 -9.72
C VAL C 338 15.02 21.14 -10.80
N LEU C 339 15.50 21.36 -12.03
CA LEU C 339 15.13 20.54 -13.18
C LEU C 339 16.09 19.36 -13.30
N VAL C 340 15.49 18.15 -13.36
CA VAL C 340 16.20 16.88 -13.32
C VAL C 340 15.88 16.09 -14.57
N PHE C 341 16.90 15.43 -15.13
CA PHE C 341 16.78 14.54 -16.28
C PHE C 341 17.38 13.20 -15.87
N SER C 342 16.68 12.09 -16.14
CA SER C 342 17.32 10.80 -15.89
C SER C 342 16.81 9.75 -16.85
N ILE C 343 17.57 8.66 -16.92
CA ILE C 343 17.15 7.45 -17.61
C ILE C 343 17.46 6.29 -16.68
N TRP C 344 16.49 5.39 -16.51
CA TRP C 344 16.74 4.26 -15.64
C TRP C 344 15.80 3.12 -16.00
N ASN C 345 16.15 1.92 -15.54
CA ASN C 345 15.27 0.77 -15.56
C ASN C 345 15.27 0.16 -14.17
N ASP C 346 14.53 -0.94 -14.00
CA ASP C 346 13.95 -1.33 -12.72
C ASP C 346 14.08 -2.84 -12.52
N PRO C 347 15.12 -3.29 -11.81
CA PRO C 347 15.29 -4.74 -11.61
C PRO C 347 14.23 -5.36 -10.73
N GLY C 348 13.48 -4.56 -9.98
CA GLY C 348 12.52 -5.14 -9.07
C GLY C 348 11.14 -5.34 -9.66
N GLN C 349 10.61 -4.31 -10.33
CA GLN C 349 9.25 -4.34 -10.83
C GLN C 349 9.16 -4.05 -12.33
N PHE C 350 10.29 -3.90 -13.02
CA PHE C 350 10.36 -3.81 -14.47
C PHE C 350 9.60 -2.61 -15.04
N MET C 351 9.41 -1.56 -14.25
CA MET C 351 8.50 -0.44 -14.56
C MET C 351 7.09 -0.89 -14.86
N ASN C 352 6.65 -2.05 -14.36
CA ASN C 352 5.32 -2.51 -14.74
C ASN C 352 4.26 -1.46 -14.45
N TRP C 353 4.49 -0.60 -13.43
CA TRP C 353 3.55 0.45 -13.05
C TRP C 353 3.39 1.53 -14.10
N LEU C 354 4.34 1.65 -15.02
CA LEU C 354 4.30 2.70 -16.04
C LEU C 354 3.71 2.24 -17.36
N ASP C 355 4.04 1.02 -17.82
CA ASP C 355 3.79 0.65 -19.19
C ASP C 355 3.16 -0.73 -19.33
N SER C 356 2.73 -1.33 -18.23
CA SER C 356 2.24 -2.71 -18.26
C SER C 356 0.92 -2.86 -17.50
N GLY C 357 0.26 -3.98 -17.73
CA GLY C 357 -1.03 -4.19 -17.09
C GLY C 357 -2.02 -3.11 -17.51
N ASN C 358 -2.58 -2.44 -16.50
CA ASN C 358 -3.57 -1.40 -16.74
C ASN C 358 -2.94 -0.14 -17.34
N ALA C 359 -1.62 0.04 -17.17
CA ALA C 359 -0.91 1.29 -17.45
C ALA C 359 -0.33 1.37 -18.84
N GLY C 360 -0.21 0.26 -19.56
CA GLY C 360 0.36 0.31 -20.88
C GLY C 360 0.32 -1.05 -21.54
N PRO C 361 0.88 -1.16 -22.74
CA PRO C 361 0.76 -2.40 -23.52
C PRO C 361 1.84 -3.45 -23.29
N CYS C 362 2.85 -3.19 -22.46
CA CYS C 362 3.92 -4.16 -22.28
C CYS C 362 3.44 -5.34 -21.43
N ASN C 363 3.95 -6.54 -21.71
CA ASN C 363 3.61 -7.64 -20.81
C ASN C 363 4.45 -7.53 -19.54
N SER C 364 4.28 -8.46 -18.60
CA SER C 364 4.83 -8.22 -17.29
C SER C 364 6.28 -8.68 -17.11
N THR C 365 6.87 -9.39 -18.08
CA THR C 365 8.27 -9.75 -18.02
C THR C 365 9.16 -8.98 -18.99
N GLU C 366 8.57 -8.23 -19.92
CA GLU C 366 9.30 -7.70 -21.07
C GLU C 366 10.36 -6.68 -20.65
N GLY C 367 10.07 -5.88 -19.61
CA GLY C 367 10.94 -4.81 -19.16
C GLY C 367 12.01 -5.22 -18.16
N ASN C 368 12.35 -6.50 -18.13
CA ASN C 368 13.43 -7.01 -17.31
C ASN C 368 14.76 -6.40 -17.76
N PRO C 369 15.47 -5.68 -16.88
CA PRO C 369 16.75 -5.08 -17.27
C PRO C 369 17.74 -6.04 -17.91
N ALA C 370 17.74 -7.31 -17.50
CA ALA C 370 18.57 -8.30 -18.15
C ALA C 370 18.25 -8.41 -19.65
N THR C 371 16.97 -8.41 -19.98
CA THR C 371 16.58 -8.47 -21.39
C THR C 371 16.92 -7.17 -22.12
N ILE C 372 16.68 -6.02 -21.47
CA ILE C 372 16.96 -4.74 -22.09
C ILE C 372 18.44 -4.63 -22.43
N GLU C 373 19.31 -4.92 -21.46
CA GLU C 373 20.75 -4.89 -21.69
C GLU C 373 21.18 -5.89 -22.75
N ALA C 374 20.62 -7.10 -22.74
CA ALA C 374 21.02 -8.06 -23.75
C ALA C 374 20.61 -7.62 -25.15
N GLN C 375 19.45 -6.99 -25.29
CA GLN C 375 18.82 -6.77 -26.59
C GLN C 375 18.69 -5.33 -27.05
N HIS C 376 18.80 -4.34 -26.15
CA HIS C 376 18.74 -2.93 -26.54
C HIS C 376 19.76 -2.12 -25.75
N PRO C 377 21.04 -2.50 -25.82
CA PRO C 377 22.07 -1.76 -25.06
C PRO C 377 22.19 -0.30 -25.46
N ASP C 378 21.74 0.06 -26.65
CA ASP C 378 21.70 1.44 -27.14
C ASP C 378 20.47 2.22 -26.68
N THR C 379 19.71 1.74 -25.69
CA THR C 379 18.48 2.44 -25.34
C THR C 379 18.83 3.78 -24.70
N ALA C 380 18.07 4.80 -25.05
CA ALA C 380 18.46 6.17 -24.73
C ALA C 380 17.30 7.12 -25.00
N VAL C 381 17.34 8.27 -24.32
CA VAL C 381 16.36 9.31 -24.54
C VAL C 381 17.10 10.58 -24.98
N THR C 382 16.43 11.40 -25.81
CA THR C 382 16.96 12.72 -26.14
C THR C 382 15.93 13.79 -25.82
N PHE C 383 16.25 14.68 -24.89
CA PHE C 383 15.45 15.87 -24.58
C PHE C 383 16.08 17.06 -25.29
N SER C 384 15.26 18.03 -25.70
CA SER C 384 15.82 19.18 -26.42
C SER C 384 14.84 20.34 -26.41
N ASN C 385 15.36 21.51 -26.78
CA ASN C 385 14.53 22.71 -26.97
C ASN C 385 13.67 23.01 -25.74
N ILE C 386 14.33 23.09 -24.59
CA ILE C 386 13.65 23.17 -23.30
C ILE C 386 13.32 24.63 -23.00
N ARG C 387 12.04 24.95 -22.93
CA ARG C 387 11.57 26.32 -22.79
C ARG C 387 10.58 26.38 -21.63
N TRP C 388 10.62 27.47 -20.86
CA TRP C 388 9.55 27.67 -19.89
C TRP C 388 9.28 29.15 -19.75
N GLY C 389 8.06 29.46 -19.36
CA GLY C 389 7.69 30.87 -19.22
C GLY C 389 6.19 31.04 -19.16
N ASP C 390 5.72 32.14 -19.72
CA ASP C 390 4.29 32.43 -19.70
C ASP C 390 3.52 31.36 -20.46
N ILE C 391 2.26 31.20 -20.06
CA ILE C 391 1.35 30.32 -20.78
C ILE C 391 1.27 30.76 -22.24
N GLY C 392 1.25 29.78 -23.14
CA GLY C 392 1.15 30.07 -24.56
C GLY C 392 2.43 30.51 -25.25
N SER C 393 3.49 30.83 -24.51
CA SER C 393 4.65 31.48 -25.10
C SER C 393 5.82 30.55 -25.39
N THR C 394 5.74 29.27 -25.00
CA THR C 394 6.86 28.35 -25.13
C THR C 394 6.71 27.37 -26.27
N PHE C 395 5.69 27.52 -27.12
CA PHE C 395 5.50 26.54 -28.19
C PHE C 395 4.68 27.14 -29.33
N GLN C 396 4.73 26.47 -30.48
CA GLN C 396 3.86 26.72 -31.63
C GLN C 396 2.41 26.30 -31.35
#